data_2I7N
#
_entry.id   2I7N
#
_cell.length_a   92.989
_cell.length_b   92.989
_cell.length_c   197.782
_cell.angle_alpha   90.00
_cell.angle_beta   90.00
_cell.angle_gamma   120.00
#
_symmetry.space_group_name_H-M   'P 63'
#
loop_
_entity.id
_entity.type
_entity.pdbx_description
1 polymer 'Pantothenate kinase 1'
2 non-polymer 'ACETYL COENZYME *A'
3 water water
#
_entity_poly.entity_id   1
_entity_poly.type   'polypeptide(L)'
_entity_poly.pdbx_seq_one_letter_code
;PPFPWFGMDIGGTLVKLVYFEPKDITAEEEQEEVENLKSIRKYLTSNTAYGKTGIRDVHLELKNLTMCGRKGNLHFIRFP
SCAMHRFIQMGSEKNFSSLHTTLCATGGGAFKFEEDFRMIADLQLHKLDELDCLIQGLLYVDSVGFNGKPECYYFENPTN
PELCQKKPYCLDNPYPMLLVNMGSGVSILAVYSKDNYKRVTGTSLGGGTFLGLCCLLTGCETFEEALEMAAKGDSTNVDK
LVKDIYGGDYERFGLQGSAVASSFGNMMSKEKRDSISKEDLARATLVTITNNIGSIARMCALNENIDRVVFVGNFLRINM
VSMKLLAYAMDFWSKGQLKALFLEHEGYFGAVGALLELFK
;
_entity_poly.pdbx_strand_id   A,B
#
# COMPACT_ATOMS: atom_id res chain seq x y z
N PHE A 3 -12.31 31.62 -36.63
CA PHE A 3 -10.99 30.93 -36.58
C PHE A 3 -10.98 29.89 -35.45
N PRO A 4 -11.90 28.91 -35.53
CA PRO A 4 -12.36 27.73 -34.78
C PRO A 4 -11.70 27.47 -33.43
N TRP A 5 -12.54 27.27 -32.42
CA TRP A 5 -12.04 27.01 -31.07
C TRP A 5 -12.19 25.53 -30.72
N PHE A 6 -11.07 24.91 -30.39
CA PHE A 6 -11.05 23.49 -30.04
C PHE A 6 -9.76 23.08 -29.32
N GLY A 7 -9.86 22.06 -28.48
CA GLY A 7 -8.70 21.57 -27.76
C GLY A 7 -8.63 20.06 -27.87
N MET A 8 -7.43 19.50 -27.88
CA MET A 8 -7.28 18.05 -28.01
C MET A 8 -6.36 17.40 -26.99
N ASP A 9 -6.68 16.16 -26.65
CA ASP A 9 -5.90 15.36 -25.71
C ASP A 9 -5.63 14.02 -26.37
N ILE A 10 -4.49 13.90 -27.04
CA ILE A 10 -4.13 12.66 -27.74
C ILE A 10 -3.31 11.77 -26.82
N GLY A 11 -3.99 10.86 -26.11
CA GLY A 11 -3.29 9.99 -25.18
C GLY A 11 -3.29 8.51 -25.52
N GLY A 12 -2.25 8.07 -26.22
CA GLY A 12 -2.11 6.68 -26.59
C GLY A 12 -3.29 6.01 -27.26
N THR A 13 -4.29 5.62 -26.48
CA THR A 13 -5.47 4.95 -27.01
C THR A 13 -6.65 5.87 -27.26
N LEU A 14 -7.29 6.35 -26.19
CA LEU A 14 -8.44 7.22 -26.32
C LEU A 14 -8.06 8.68 -26.60
N VAL A 15 -8.92 9.36 -27.34
CA VAL A 15 -8.70 10.76 -27.71
C VAL A 15 -9.87 11.62 -27.25
N LYS A 16 -9.55 12.78 -26.67
CA LYS A 16 -10.57 13.70 -26.20
C LYS A 16 -10.54 15.00 -26.98
N LEU A 17 -11.70 15.44 -27.44
CA LEU A 17 -11.81 16.66 -28.22
C LEU A 17 -12.88 17.57 -27.64
N VAL A 18 -12.53 18.84 -27.45
CA VAL A 18 -13.46 19.84 -26.93
C VAL A 18 -13.64 20.93 -27.99
N TYR A 19 -14.88 21.22 -28.35
CA TYR A 19 -15.15 22.22 -29.36
C TYR A 19 -16.17 23.26 -28.90
N PHE A 20 -15.79 24.53 -28.98
CA PHE A 20 -16.67 25.63 -28.59
C PHE A 20 -17.47 26.12 -29.80
N GLU A 21 -18.75 25.77 -29.84
CA GLU A 21 -19.64 26.17 -30.92
C GLU A 21 -20.22 27.55 -30.64
N PRO A 22 -19.80 28.56 -31.41
CA PRO A 22 -20.27 29.94 -31.27
C PRO A 22 -21.76 30.11 -31.55
N LYS A 23 -22.39 31.03 -30.83
CA LYS A 23 -23.80 31.31 -31.01
C LYS A 23 -23.99 32.78 -31.37
N ASP A 24 -25.20 33.16 -31.72
CA ASP A 24 -25.49 34.53 -32.09
C ASP A 24 -26.89 34.95 -31.67
N LEU A 37 -15.34 27.59 -42.86
CA LEU A 37 -15.11 26.68 -41.75
C LEU A 37 -16.43 26.39 -41.04
N LYS A 38 -17.53 26.65 -41.74
CA LYS A 38 -18.87 26.44 -41.19
C LYS A 38 -19.27 24.99 -41.42
N SER A 39 -18.44 24.27 -42.16
CA SER A 39 -18.68 22.85 -42.46
C SER A 39 -18.59 22.04 -41.18
N ILE A 40 -17.61 22.36 -40.35
CA ILE A 40 -17.41 21.66 -39.09
C ILE A 40 -18.60 21.92 -38.17
N ARG A 41 -19.20 23.10 -38.32
CA ARG A 41 -20.35 23.48 -37.52
C ARG A 41 -21.57 22.66 -37.94
N LYS A 42 -21.40 21.88 -39.01
CA LYS A 42 -22.47 21.05 -39.54
C LYS A 42 -22.34 19.60 -39.08
N TYR A 43 -21.28 18.94 -39.55
CA TYR A 43 -21.02 17.54 -39.20
C TYR A 43 -21.06 17.26 -37.70
N LEU A 44 -20.62 18.21 -36.90
CA LEU A 44 -20.60 18.05 -35.45
C LEU A 44 -22.00 18.08 -34.85
N THR A 45 -22.77 19.11 -35.19
CA THR A 45 -24.12 19.26 -34.68
C THR A 45 -25.08 18.25 -35.30
N SER A 46 -24.78 17.84 -36.53
CA SER A 46 -25.62 16.90 -37.26
C SER A 46 -25.82 15.56 -36.55
N ASN A 47 -24.79 15.05 -35.90
CA ASN A 47 -24.89 13.77 -35.21
C ASN A 47 -24.17 13.69 -33.88
N THR A 48 -24.42 12.60 -33.16
CA THR A 48 -23.82 12.36 -31.86
C THR A 48 -22.74 11.28 -32.00
N ALA A 49 -22.85 10.50 -33.08
CA ALA A 49 -21.89 9.44 -33.34
C ALA A 49 -21.07 9.78 -34.58
N TYR A 50 -19.79 9.44 -34.56
CA TYR A 50 -18.90 9.73 -35.68
C TYR A 50 -18.11 8.49 -36.08
N GLY A 51 -18.30 8.03 -37.31
CA GLY A 51 -17.59 6.85 -37.79
C GLY A 51 -17.95 5.61 -37.01
N LYS A 52 -17.05 4.62 -37.01
CA LYS A 52 -17.30 3.38 -36.29
C LYS A 52 -17.41 3.65 -34.79
N THR A 53 -16.34 4.18 -34.21
CA THR A 53 -16.31 4.50 -32.79
C THR A 53 -16.01 5.97 -32.57
N GLY A 54 -17.06 6.73 -32.20
CA GLY A 54 -16.92 8.15 -31.96
C GLY A 54 -18.19 8.66 -31.31
N ILE A 55 -18.07 9.22 -30.11
CA ILE A 55 -19.25 9.72 -29.40
C ILE A 55 -19.13 11.18 -28.98
N ARG A 56 -20.28 11.79 -28.73
CA ARG A 56 -20.36 13.18 -28.29
C ARG A 56 -21.25 13.24 -27.05
N ASP A 57 -20.61 13.21 -25.88
CA ASP A 57 -21.34 13.26 -24.62
C ASP A 57 -22.19 14.53 -24.50
N VAL A 58 -23.44 14.42 -24.94
CA VAL A 58 -24.37 15.53 -24.91
C VAL A 58 -24.66 16.05 -23.50
N HIS A 59 -24.73 15.13 -22.54
CA HIS A 59 -25.01 15.53 -21.15
C HIS A 59 -23.93 16.42 -20.54
N LEU A 60 -22.70 16.32 -21.05
CA LEU A 60 -21.60 17.13 -20.54
C LEU A 60 -21.53 18.50 -21.20
N GLU A 61 -22.30 18.67 -22.29
CA GLU A 61 -22.31 19.93 -23.02
C GLU A 61 -22.63 21.12 -22.13
N LEU A 62 -21.78 22.14 -22.17
CA LEU A 62 -21.98 23.34 -21.38
C LEU A 62 -22.66 24.39 -22.28
N LYS A 63 -23.81 24.89 -21.84
CA LYS A 63 -24.56 25.87 -22.61
C LYS A 63 -24.47 27.31 -22.10
N ASN A 64 -24.77 28.25 -22.99
CA ASN A 64 -24.74 29.67 -22.67
C ASN A 64 -23.45 30.06 -21.97
N LEU A 65 -22.34 29.54 -22.47
CA LEU A 65 -21.03 29.83 -21.90
C LEU A 65 -20.34 30.98 -22.64
N THR A 66 -19.80 31.92 -21.87
CA THR A 66 -19.11 33.06 -22.44
C THR A 66 -17.63 32.72 -22.52
N MET A 67 -17.10 32.67 -23.74
CA MET A 67 -15.69 32.32 -23.93
C MET A 67 -15.02 33.21 -24.98
N ARG A 70 -16.94 35.78 -27.28
CA ARG A 70 -18.32 35.51 -27.66
C ARG A 70 -18.99 34.53 -26.71
N LYS A 71 -20.20 34.12 -27.05
CA LYS A 71 -20.96 33.17 -26.26
C LYS A 71 -21.39 32.00 -27.11
N GLY A 72 -21.24 30.79 -26.59
CA GLY A 72 -21.62 29.61 -27.34
C GLY A 72 -21.73 28.38 -26.45
N ASN A 73 -21.54 27.21 -27.05
CA ASN A 73 -21.62 25.95 -26.31
C ASN A 73 -20.33 25.14 -26.43
N LEU A 74 -19.86 24.61 -25.31
CA LEU A 74 -18.65 23.81 -25.29
C LEU A 74 -19.05 22.34 -25.41
N HIS A 75 -18.57 21.67 -26.45
CA HIS A 75 -18.89 20.28 -26.69
C HIS A 75 -17.74 19.35 -26.33
N PHE A 76 -18.08 18.14 -25.92
CA PHE A 76 -17.07 17.15 -25.54
C PHE A 76 -17.22 15.89 -26.40
N ILE A 77 -16.17 15.57 -27.14
CA ILE A 77 -16.18 14.42 -28.03
C ILE A 77 -15.01 13.47 -27.73
N ARG A 78 -15.24 12.18 -27.93
CA ARG A 78 -14.22 11.16 -27.67
C ARG A 78 -14.18 10.11 -28.77
N PHE A 79 -12.97 9.66 -29.13
CA PHE A 79 -12.81 8.63 -30.16
C PHE A 79 -11.42 8.01 -30.13
N PRO A 80 -11.31 6.73 -30.53
CA PRO A 80 -10.04 6.00 -30.55
C PRO A 80 -8.93 6.73 -31.32
N SER A 81 -7.69 6.49 -30.91
CA SER A 81 -6.54 7.12 -31.55
C SER A 81 -6.29 6.61 -32.96
N CYS A 82 -6.77 5.40 -33.25
CA CYS A 82 -6.60 4.81 -34.56
C CYS A 82 -7.42 5.58 -35.59
N ALA A 83 -8.52 6.18 -35.12
CA ALA A 83 -9.40 6.96 -35.98
C ALA A 83 -8.92 8.40 -36.07
N MET A 84 -7.66 8.62 -35.70
CA MET A 84 -7.09 9.96 -35.73
C MET A 84 -6.78 10.38 -37.17
N HIS A 85 -6.22 9.47 -37.94
CA HIS A 85 -5.89 9.76 -39.33
C HIS A 85 -7.19 10.11 -40.06
N ARG A 86 -8.27 9.44 -39.66
CA ARG A 86 -9.58 9.69 -40.25
C ARG A 86 -9.93 11.16 -39.98
N PHE A 87 -9.79 11.54 -38.72
CA PHE A 87 -10.08 12.90 -38.27
C PHE A 87 -9.26 13.88 -39.10
N ILE A 88 -7.98 13.56 -39.30
CA ILE A 88 -7.08 14.41 -40.06
C ILE A 88 -7.53 14.54 -41.51
N GLN A 89 -7.81 13.40 -42.14
CA GLN A 89 -8.25 13.39 -43.53
C GLN A 89 -9.50 14.25 -43.76
N MET A 90 -10.41 14.22 -42.79
CA MET A 90 -11.64 15.00 -42.89
C MET A 90 -11.32 16.49 -42.92
N GLY A 91 -10.20 16.87 -42.33
CA GLY A 91 -9.80 18.27 -42.31
C GLY A 91 -9.15 18.71 -43.60
N CYS A 104 -3.56 23.35 -30.68
CA CYS A 104 -3.12 23.04 -29.31
C CYS A 104 -3.63 21.67 -28.87
N ALA A 105 -2.70 20.78 -28.54
CA ALA A 105 -3.05 19.44 -28.09
C ALA A 105 -2.06 18.90 -27.06
N THR A 106 -2.56 18.02 -26.20
CA THR A 106 -1.72 17.43 -25.16
C THR A 106 -1.82 15.91 -25.28
N GLY A 107 -1.22 15.18 -24.35
CA GLY A 107 -1.27 13.74 -24.40
C GLY A 107 0.02 13.14 -24.91
N GLY A 108 0.34 11.94 -24.45
CA GLY A 108 1.57 11.28 -24.87
C GLY A 108 1.55 10.75 -26.30
N GLY A 109 0.50 11.05 -27.04
CA GLY A 109 0.41 10.58 -28.41
C GLY A 109 0.24 11.71 -29.40
N ALA A 110 0.69 12.90 -29.03
CA ALA A 110 0.58 14.08 -29.88
C ALA A 110 1.70 14.22 -30.91
N PHE A 111 2.94 14.02 -30.51
CA PHE A 111 4.04 14.17 -31.46
C PHE A 111 4.12 13.07 -32.50
N LYS A 112 3.34 12.00 -32.31
CA LYS A 112 3.31 10.92 -33.29
C LYS A 112 2.67 11.59 -34.50
N PHE A 113 1.39 11.90 -34.37
CA PHE A 113 0.62 12.55 -35.41
C PHE A 113 1.08 13.99 -35.65
N GLU A 114 2.28 14.30 -35.21
CA GLU A 114 2.79 15.66 -35.39
C GLU A 114 3.15 15.89 -36.84
N GLU A 115 3.50 14.80 -37.53
CA GLU A 115 3.86 14.88 -38.94
C GLU A 115 2.62 15.13 -39.78
N ASP A 116 1.56 14.35 -39.52
CA ASP A 116 0.30 14.47 -40.24
C ASP A 116 -0.35 15.83 -40.05
N PHE A 117 0.13 16.58 -39.07
CA PHE A 117 -0.47 17.87 -38.78
C PHE A 117 0.09 19.06 -39.53
N LEU A 125 1.22 21.73 -35.19
CA LEU A 125 0.71 21.21 -33.94
C LEU A 125 1.51 21.74 -32.75
N HIS A 126 0.82 22.31 -31.78
CA HIS A 126 1.46 22.85 -30.59
C HIS A 126 1.14 21.96 -29.39
N LYS A 127 2.07 21.09 -29.04
CA LYS A 127 1.87 20.16 -27.92
C LYS A 127 2.03 20.89 -26.60
N LEU A 128 1.11 20.61 -25.68
CA LEU A 128 1.13 21.23 -24.36
C LEU A 128 1.39 20.21 -23.28
N ASP A 129 1.77 20.69 -22.10
CA ASP A 129 2.06 19.81 -20.97
C ASP A 129 0.79 19.18 -20.42
N GLU A 130 0.81 17.86 -20.25
CA GLU A 130 -0.34 17.12 -19.74
C GLU A 130 -0.84 17.64 -18.38
N LEU A 131 0.08 17.76 -17.43
CA LEU A 131 -0.29 18.22 -16.10
C LEU A 131 -0.88 19.62 -16.06
N ASP A 132 -0.24 20.56 -16.74
CA ASP A 132 -0.72 21.93 -16.75
C ASP A 132 -2.12 22.03 -17.36
N CYS A 133 -2.35 21.30 -18.45
CA CYS A 133 -3.65 21.32 -19.11
C CYS A 133 -4.73 20.73 -18.21
N LEU A 134 -4.39 19.64 -17.52
CA LEU A 134 -5.33 19.01 -16.60
C LEU A 134 -5.80 19.99 -15.51
N ILE A 135 -4.85 20.61 -14.85
CA ILE A 135 -5.15 21.56 -13.78
C ILE A 135 -5.89 22.80 -14.26
N GLN A 136 -5.39 23.43 -15.32
CA GLN A 136 -6.03 24.62 -15.86
C GLN A 136 -7.45 24.30 -16.32
N GLY A 137 -7.61 23.16 -17.01
CA GLY A 137 -8.92 22.78 -17.49
C GLY A 137 -9.88 22.45 -16.36
N LEU A 138 -9.37 21.80 -15.33
CA LEU A 138 -10.17 21.40 -14.17
C LEU A 138 -10.65 22.64 -13.42
N LEU A 139 -9.72 23.56 -13.16
CA LEU A 139 -10.06 24.79 -12.44
C LEU A 139 -11.05 25.63 -13.25
N TYR A 140 -10.88 25.65 -14.57
CA TYR A 140 -11.78 26.42 -15.43
C TYR A 140 -13.22 25.87 -15.39
N VAL A 141 -13.37 24.58 -15.67
CA VAL A 141 -14.68 23.96 -15.67
C VAL A 141 -15.41 24.15 -14.35
N ASP A 142 -14.67 24.07 -13.25
CA ASP A 142 -15.26 24.23 -11.93
C ASP A 142 -15.69 25.68 -11.70
N SER A 143 -14.92 26.62 -12.25
CA SER A 143 -15.21 28.04 -12.09
C SER A 143 -16.50 28.44 -12.81
N VAL A 144 -16.67 27.95 -14.03
CA VAL A 144 -17.86 28.28 -14.81
C VAL A 144 -19.06 27.45 -14.37
N GLY A 145 -18.80 26.28 -13.80
CA GLY A 145 -19.89 25.43 -13.35
C GLY A 145 -20.44 24.52 -14.43
N PHE A 146 -21.44 23.73 -14.07
CA PHE A 146 -22.06 22.79 -15.00
C PHE A 146 -23.53 23.16 -15.22
N ASN A 147 -23.76 24.21 -15.99
CA ASN A 147 -25.10 24.69 -16.31
C ASN A 147 -25.97 24.88 -15.06
N GLY A 148 -25.54 25.75 -14.17
CA GLY A 148 -26.30 26.01 -12.96
C GLY A 148 -26.03 25.08 -11.80
N LYS A 149 -25.43 23.92 -12.09
CA LYS A 149 -25.12 22.95 -11.04
C LYS A 149 -23.63 22.81 -10.80
N PRO A 150 -23.25 22.37 -9.59
CA PRO A 150 -21.84 22.19 -9.22
C PRO A 150 -21.12 21.15 -10.08
N GLU A 151 -19.85 21.41 -10.34
CA GLU A 151 -19.01 20.51 -11.14
C GLU A 151 -18.49 19.37 -10.27
N CYS A 152 -18.37 19.63 -8.98
CA CYS A 152 -17.86 18.64 -8.02
C CYS A 152 -18.97 17.88 -7.30
N TYR A 153 -18.66 16.65 -6.89
CA TYR A 153 -19.63 15.83 -6.17
C TYR A 153 -18.94 14.74 -5.34
N TYR A 154 -19.70 14.14 -4.42
CA TYR A 154 -19.17 13.06 -3.58
C TYR A 154 -20.28 12.03 -3.36
N PHE A 155 -19.94 10.92 -2.73
CA PHE A 155 -20.94 9.87 -2.48
C PHE A 155 -21.31 9.70 -1.02
N GLU A 156 -22.52 9.18 -0.82
CA GLU A 156 -23.05 8.90 0.51
C GLU A 156 -23.32 7.40 0.45
N ASN A 157 -22.91 6.66 1.48
CA ASN A 157 -23.10 5.21 1.49
C ASN A 157 -22.74 4.64 0.12
N PRO A 158 -21.49 4.90 -0.35
CA PRO A 158 -21.02 4.44 -1.65
C PRO A 158 -21.06 2.95 -1.96
N THR A 159 -20.81 2.10 -0.97
CA THR A 159 -20.81 0.66 -1.20
C THR A 159 -22.14 -0.03 -0.92
N ASN A 160 -23.12 0.73 -0.44
CA ASN A 160 -24.45 0.20 -0.16
C ASN A 160 -25.35 0.64 -1.30
N PRO A 161 -25.51 -0.19 -2.33
CA PRO A 161 -26.34 0.13 -3.50
C PRO A 161 -27.78 0.55 -3.19
N GLU A 162 -28.26 0.21 -2.01
CA GLU A 162 -29.62 0.55 -1.61
C GLU A 162 -29.73 1.95 -1.00
N LEU A 163 -28.58 2.54 -0.67
CA LEU A 163 -28.55 3.87 -0.07
C LEU A 163 -27.58 4.80 -0.78
N CYS A 164 -26.76 4.23 -1.66
CA CYS A 164 -25.77 5.02 -2.40
C CYS A 164 -26.40 6.18 -3.15
N GLN A 165 -26.05 7.40 -2.75
CA GLN A 165 -26.58 8.59 -3.40
C GLN A 165 -25.50 9.60 -3.72
N LYS A 166 -25.53 10.08 -4.97
CA LYS A 166 -24.57 11.06 -5.46
C LYS A 166 -24.97 12.45 -4.95
N LYS A 167 -24.05 13.12 -4.26
CA LYS A 167 -24.32 14.45 -3.72
C LYS A 167 -23.41 15.52 -4.31
N PRO A 168 -23.99 16.65 -4.74
CA PRO A 168 -23.22 17.74 -5.32
C PRO A 168 -22.42 18.47 -4.25
N TYR A 169 -21.25 19.00 -4.63
CA TYR A 169 -20.40 19.72 -3.70
C TYR A 169 -19.95 21.05 -4.29
N CYS A 170 -20.14 22.12 -3.52
CA CYS A 170 -19.75 23.46 -3.97
C CYS A 170 -18.27 23.72 -3.70
N LEU A 171 -17.45 23.59 -4.73
CA LEU A 171 -16.03 23.83 -4.60
C LEU A 171 -15.73 25.26 -5.06
N ASP A 172 -16.43 26.21 -4.44
CA ASP A 172 -16.29 27.64 -4.74
C ASP A 172 -14.83 28.06 -4.93
N ASN A 173 -14.12 28.28 -3.83
CA ASN A 173 -12.72 28.66 -3.89
C ASN A 173 -11.94 27.37 -3.68
N PRO A 174 -11.41 26.78 -4.77
CA PRO A 174 -10.64 25.53 -4.72
C PRO A 174 -9.26 25.58 -4.07
N TYR A 175 -8.79 26.78 -3.73
CA TYR A 175 -7.47 26.89 -3.11
C TYR A 175 -7.54 27.01 -1.59
N PRO A 176 -6.85 26.11 -0.87
CA PRO A 176 -6.03 25.02 -1.44
C PRO A 176 -6.81 23.72 -1.55
N MET A 177 -6.31 22.80 -2.38
CA MET A 177 -6.95 21.52 -2.56
C MET A 177 -5.91 20.48 -2.97
N LEU A 178 -6.20 19.22 -2.69
CA LEU A 178 -5.29 18.13 -3.07
C LEU A 178 -5.89 17.44 -4.27
N LEU A 179 -5.04 17.13 -5.26
CA LEU A 179 -5.48 16.47 -6.46
C LEU A 179 -4.78 15.11 -6.55
N VAL A 180 -5.57 14.05 -6.50
CA VAL A 180 -5.04 12.69 -6.61
C VAL A 180 -5.20 12.28 -8.07
N ASN A 181 -4.10 12.32 -8.80
CA ASN A 181 -4.12 11.97 -10.23
C ASN A 181 -3.67 10.53 -10.42
N MET A 182 -4.61 9.66 -10.77
CA MET A 182 -4.35 8.24 -10.91
C MET A 182 -4.15 7.76 -12.34
N GLY A 183 -2.91 7.47 -12.68
CA GLY A 183 -2.56 6.97 -14.00
C GLY A 183 -2.00 5.57 -13.80
N SER A 184 -0.90 5.23 -14.47
CA SER A 184 -0.30 3.90 -14.28
C SER A 184 0.12 3.87 -12.82
N GLY A 185 0.61 5.02 -12.35
CA GLY A 185 0.99 5.18 -10.97
C GLY A 185 0.14 6.32 -10.41
N VAL A 186 0.42 6.76 -9.19
CA VAL A 186 -0.39 7.82 -8.59
C VAL A 186 0.44 8.99 -8.10
N SER A 187 0.02 10.20 -8.48
CA SER A 187 0.70 11.42 -8.06
C SER A 187 -0.31 12.25 -7.27
N ILE A 188 0.12 12.83 -6.16
CA ILE A 188 -0.77 13.66 -5.36
C ILE A 188 -0.19 15.08 -5.38
N LEU A 189 -0.99 16.01 -5.86
CA LEU A 189 -0.53 17.39 -5.94
C LEU A 189 -1.37 18.35 -5.11
N ALA A 190 -0.68 19.31 -4.50
CA ALA A 190 -1.34 20.34 -3.70
C ALA A 190 -1.48 21.54 -4.62
N VAL A 191 -2.71 22.00 -4.80
CA VAL A 191 -2.98 23.14 -5.68
C VAL A 191 -3.29 24.36 -4.81
N TYR A 192 -2.37 25.31 -4.77
CA TYR A 192 -2.53 26.52 -3.97
C TYR A 192 -3.13 27.68 -4.74
N SER A 193 -2.95 27.66 -6.07
CA SER A 193 -3.48 28.71 -6.93
C SER A 193 -3.33 28.23 -8.37
N LYS A 194 -3.97 28.92 -9.30
CA LYS A 194 -3.91 28.56 -10.72
C LYS A 194 -2.48 28.38 -11.23
N ASP A 195 -1.56 29.21 -10.76
CA ASP A 195 -0.18 29.13 -11.21
C ASP A 195 0.73 28.47 -10.19
N ASN A 196 0.21 28.12 -9.02
CA ASN A 196 1.03 27.51 -7.99
C ASN A 196 0.50 26.17 -7.45
N TYR A 197 1.24 25.10 -7.77
CA TYR A 197 0.90 23.76 -7.31
C TYR A 197 2.15 22.90 -7.36
N LYS A 198 2.19 21.89 -6.50
CA LYS A 198 3.35 21.01 -6.44
C LYS A 198 2.96 19.59 -6.06
N ARG A 199 3.81 18.65 -6.41
CA ARG A 199 3.57 17.24 -6.09
C ARG A 199 4.05 17.03 -4.66
N VAL A 200 3.15 16.59 -3.79
CA VAL A 200 3.50 16.38 -2.40
C VAL A 200 4.02 14.96 -2.18
N THR A 201 3.49 14.02 -2.96
CA THR A 201 3.93 12.63 -2.85
C THR A 201 3.19 11.80 -3.91
N GLY A 202 3.29 10.49 -3.76
CA GLY A 202 2.63 9.61 -4.72
C GLY A 202 2.80 8.16 -4.33
N THR A 203 2.31 7.24 -5.16
CA THR A 203 2.45 5.82 -4.85
C THR A 203 2.58 5.09 -6.16
N SER A 204 3.39 4.05 -6.19
CA SER A 204 3.58 3.28 -7.41
C SER A 204 2.46 2.24 -7.59
N LEU A 205 1.59 2.11 -6.59
CA LEU A 205 0.46 1.16 -6.70
C LEU A 205 -0.73 1.87 -7.32
N GLY A 206 -0.81 1.82 -8.66
CA GLY A 206 -1.89 2.50 -9.36
C GLY A 206 -2.60 1.67 -10.40
N GLY A 207 -3.16 2.34 -11.41
CA GLY A 207 -3.87 1.65 -12.48
C GLY A 207 -3.03 0.62 -13.19
N GLY A 208 -1.73 0.92 -13.37
CA GLY A 208 -0.84 -0.01 -14.03
C GLY A 208 -0.62 -1.26 -13.18
N THR A 209 -0.73 -1.08 -11.87
CA THR A 209 -0.59 -2.20 -10.96
C THR A 209 -1.82 -3.08 -11.03
N PHE A 210 -3.00 -2.44 -11.08
CA PHE A 210 -4.25 -3.17 -11.19
C PHE A 210 -4.25 -4.03 -12.47
N LEU A 211 -3.96 -3.41 -13.61
CA LEU A 211 -3.97 -4.15 -14.87
C LEU A 211 -2.85 -5.18 -14.94
N GLY A 212 -1.66 -4.77 -14.51
CA GLY A 212 -0.51 -5.68 -14.52
C GLY A 212 -0.77 -6.96 -13.72
N LEU A 213 -1.26 -6.81 -12.49
CA LEU A 213 -1.53 -7.97 -11.65
C LEU A 213 -2.69 -8.79 -12.23
N CYS A 214 -3.69 -8.10 -12.77
CA CYS A 214 -4.82 -8.82 -13.35
C CYS A 214 -4.39 -9.66 -14.54
N CYS A 215 -3.50 -9.12 -15.37
CA CYS A 215 -3.01 -9.85 -16.52
C CYS A 215 -2.31 -11.14 -16.07
N LEU A 216 -1.47 -11.01 -15.04
CA LEU A 216 -0.75 -12.16 -14.51
C LEU A 216 -1.65 -13.15 -13.76
N LEU A 217 -2.62 -12.63 -13.02
CA LEU A 217 -3.50 -13.47 -12.22
C LEU A 217 -4.72 -14.05 -12.94
N THR A 218 -5.21 -13.36 -13.95
CA THR A 218 -6.41 -13.80 -14.64
C THR A 218 -6.27 -14.01 -16.14
N GLY A 219 -5.16 -13.55 -16.70
CA GLY A 219 -4.96 -13.72 -18.14
C GLY A 219 -5.68 -12.70 -18.99
N CYS A 220 -6.33 -11.73 -18.37
CA CYS A 220 -7.05 -10.70 -19.13
C CYS A 220 -6.02 -9.87 -19.88
N GLU A 221 -6.49 -9.02 -20.79
CA GLU A 221 -5.57 -8.20 -21.59
C GLU A 221 -5.75 -6.70 -21.47
N THR A 222 -6.97 -6.24 -21.25
CA THR A 222 -7.20 -4.80 -21.17
C THR A 222 -7.78 -4.33 -19.84
N PHE A 223 -7.64 -3.03 -19.60
CA PHE A 223 -8.13 -2.39 -18.39
C PHE A 223 -9.64 -2.59 -18.30
N GLU A 224 -10.32 -2.46 -19.45
CA GLU A 224 -11.77 -2.62 -19.51
C GLU A 224 -12.18 -4.01 -19.07
N GLU A 225 -11.48 -5.02 -19.58
CA GLU A 225 -11.77 -6.40 -19.23
C GLU A 225 -11.55 -6.63 -17.74
N ALA A 226 -10.44 -6.10 -17.24
CA ALA A 226 -10.09 -6.23 -15.83
C ALA A 226 -11.18 -5.61 -14.96
N LEU A 227 -11.59 -4.38 -15.30
CA LEU A 227 -12.62 -3.69 -14.52
C LEU A 227 -13.95 -4.42 -14.56
N GLU A 228 -14.26 -5.04 -15.70
CA GLU A 228 -15.52 -5.75 -15.82
C GLU A 228 -15.53 -6.98 -14.92
N MET A 229 -14.38 -7.65 -14.82
CA MET A 229 -14.26 -8.83 -13.97
C MET A 229 -14.35 -8.42 -12.51
N ALA A 230 -13.66 -7.34 -12.17
CA ALA A 230 -13.63 -6.85 -10.80
C ALA A 230 -15.02 -6.48 -10.29
N ALA A 231 -15.84 -5.90 -11.17
CA ALA A 231 -17.19 -5.51 -10.78
C ALA A 231 -18.06 -6.68 -10.34
N LYS A 232 -17.76 -7.87 -10.84
CA LYS A 232 -18.55 -9.05 -10.52
C LYS A 232 -17.97 -9.96 -9.46
N GLY A 233 -16.72 -9.72 -9.08
CA GLY A 233 -16.09 -10.58 -8.09
C GLY A 233 -16.34 -10.24 -6.62
N ASP A 234 -15.85 -11.11 -5.75
CA ASP A 234 -15.98 -10.96 -4.31
C ASP A 234 -14.57 -11.09 -3.73
N SER A 235 -14.02 -9.98 -3.25
CA SER A 235 -12.66 -10.01 -2.70
C SER A 235 -12.53 -10.68 -1.32
N THR A 236 -13.65 -10.90 -0.63
CA THR A 236 -13.57 -11.51 0.69
C THR A 236 -13.14 -12.98 0.69
N ASN A 237 -13.10 -13.60 -0.48
CA ASN A 237 -12.64 -14.98 -0.57
C ASN A 237 -11.12 -14.98 -0.70
N VAL A 238 -10.59 -13.87 -1.20
CA VAL A 238 -9.15 -13.72 -1.42
C VAL A 238 -8.44 -13.09 -0.22
N ASP A 239 -9.03 -12.04 0.33
CA ASP A 239 -8.44 -11.33 1.47
C ASP A 239 -8.83 -11.96 2.81
N LYS A 240 -8.01 -11.71 3.82
CA LYS A 240 -8.28 -12.18 5.16
C LYS A 240 -8.84 -10.96 5.88
N LEU A 241 -10.02 -11.09 6.46
CA LEU A 241 -10.66 -9.99 7.16
C LEU A 241 -10.40 -10.01 8.66
N VAL A 242 -10.58 -8.86 9.31
CA VAL A 242 -10.38 -8.75 10.74
C VAL A 242 -11.24 -9.78 11.49
N LYS A 243 -12.49 -9.93 11.08
CA LYS A 243 -13.37 -10.87 11.76
C LYS A 243 -12.87 -12.31 11.63
N ASP A 244 -12.12 -12.59 10.57
CA ASP A 244 -11.58 -13.93 10.38
C ASP A 244 -10.56 -14.24 11.46
N ILE A 245 -9.96 -13.19 12.03
CA ILE A 245 -8.97 -13.36 13.07
C ILE A 245 -9.56 -13.25 14.47
N TYR A 246 -10.44 -12.28 14.68
CA TYR A 246 -11.03 -12.05 16.01
C TYR A 246 -12.48 -12.52 16.16
N GLY A 247 -13.05 -13.09 15.12
CA GLY A 247 -14.43 -13.57 15.18
C GLY A 247 -15.41 -12.42 15.15
N GLY A 248 -14.92 -11.23 14.81
CA GLY A 248 -15.76 -10.06 14.74
C GLY A 248 -14.93 -8.80 14.88
N ASP A 249 -15.54 -7.74 15.37
CA ASP A 249 -14.85 -6.46 15.57
C ASP A 249 -13.72 -6.63 16.57
N TYR A 250 -12.76 -5.71 16.52
CA TYR A 250 -11.64 -5.73 17.45
C TYR A 250 -11.56 -4.33 18.06
N GLU A 251 -12.42 -4.11 19.05
CA GLU A 251 -12.53 -2.82 19.75
C GLU A 251 -11.21 -2.17 20.13
N ARG A 252 -10.32 -2.95 20.73
CA ARG A 252 -9.03 -2.43 21.16
C ARG A 252 -8.37 -1.54 20.10
N PHE A 253 -8.51 -1.93 18.84
CA PHE A 253 -7.92 -1.18 17.73
C PHE A 253 -8.96 -0.37 16.96
N GLY A 254 -10.20 -0.42 17.41
CA GLY A 254 -11.26 0.31 16.73
C GLY A 254 -11.44 -0.19 15.30
N LEU A 255 -11.10 -1.45 15.07
CA LEU A 255 -11.22 -2.08 13.76
C LEU A 255 -12.48 -2.91 13.62
N GLN A 256 -13.31 -2.58 12.64
CA GLN A 256 -14.53 -3.34 12.44
C GLN A 256 -14.18 -4.68 11.78
N GLY A 257 -14.96 -5.70 12.08
CA GLY A 257 -14.71 -7.02 11.54
C GLY A 257 -14.68 -7.08 10.01
N SER A 258 -15.36 -6.16 9.36
CA SER A 258 -15.40 -6.13 7.89
C SER A 258 -14.13 -5.55 7.26
N ALA A 259 -13.32 -4.86 8.05
CA ALA A 259 -12.07 -4.30 7.53
C ALA A 259 -11.12 -5.42 7.10
N VAL A 260 -10.33 -5.15 6.07
CA VAL A 260 -9.38 -6.15 5.59
C VAL A 260 -8.16 -6.19 6.51
N ALA A 261 -7.83 -7.38 7.00
CA ALA A 261 -6.67 -7.55 7.86
C ALA A 261 -5.42 -7.73 7.00
N SER A 262 -5.55 -8.56 5.97
CA SER A 262 -4.42 -8.85 5.08
C SER A 262 -4.92 -9.07 3.65
N SER A 263 -4.50 -8.20 2.74
CA SER A 263 -4.90 -8.32 1.33
C SER A 263 -4.26 -9.59 0.77
N PHE A 264 -5.07 -10.41 0.09
CA PHE A 264 -4.58 -11.68 -0.46
C PHE A 264 -4.07 -12.62 0.64
N GLY A 265 -4.45 -12.30 1.88
CA GLY A 265 -4.00 -13.05 3.04
C GLY A 265 -4.47 -14.50 3.21
N ASN A 266 -5.47 -14.90 2.45
CA ASN A 266 -5.96 -16.29 2.50
C ASN A 266 -5.29 -17.15 1.44
N MET A 267 -4.63 -16.50 0.49
CA MET A 267 -4.03 -17.19 -0.64
C MET A 267 -2.83 -18.10 -0.44
N MET A 268 -2.29 -18.17 0.76
CA MET A 268 -1.18 -19.11 0.97
C MET A 268 -1.75 -20.46 1.39
N SER A 269 -3.07 -20.50 1.54
CA SER A 269 -3.76 -21.73 1.91
C SER A 269 -4.33 -22.40 0.66
N LYS A 270 -3.94 -23.65 0.42
CA LYS A 270 -4.44 -24.36 -0.75
C LYS A 270 -5.97 -24.45 -0.77
N GLU A 271 -6.55 -24.74 0.39
CA GLU A 271 -8.01 -24.87 0.49
C GLU A 271 -8.73 -23.57 0.17
N LYS A 272 -8.12 -22.43 0.51
CA LYS A 272 -8.75 -21.15 0.24
C LYS A 272 -8.61 -20.79 -1.24
N ARG A 273 -7.47 -21.09 -1.83
CA ARG A 273 -7.26 -20.81 -3.24
C ARG A 273 -8.29 -21.59 -4.08
N ASP A 274 -8.71 -22.73 -3.55
CA ASP A 274 -9.70 -23.57 -4.24
C ASP A 274 -11.08 -22.93 -4.32
N SER A 275 -11.29 -21.85 -3.57
CA SER A 275 -12.60 -21.20 -3.57
C SER A 275 -12.68 -19.91 -4.37
N ILE A 276 -11.58 -19.45 -4.93
CA ILE A 276 -11.58 -18.20 -5.66
C ILE A 276 -11.83 -18.35 -7.14
N SER A 277 -12.33 -17.29 -7.75
CA SER A 277 -12.57 -17.23 -9.18
C SER A 277 -11.68 -16.12 -9.73
N LYS A 278 -11.58 -16.01 -11.04
CA LYS A 278 -10.79 -14.94 -11.64
C LYS A 278 -11.40 -13.59 -11.29
N GLU A 279 -12.73 -13.53 -11.26
CA GLU A 279 -13.42 -12.29 -10.92
C GLU A 279 -13.05 -11.87 -9.49
N ASP A 280 -12.94 -12.83 -8.58
CA ASP A 280 -12.59 -12.53 -7.19
C ASP A 280 -11.17 -11.97 -7.13
N LEU A 281 -10.27 -12.56 -7.91
CA LEU A 281 -8.89 -12.09 -7.94
C LEU A 281 -8.80 -10.67 -8.47
N ALA A 282 -9.55 -10.37 -9.54
CA ALA A 282 -9.55 -9.03 -10.11
C ALA A 282 -10.12 -8.03 -9.12
N ARG A 283 -11.18 -8.42 -8.41
CA ARG A 283 -11.79 -7.54 -7.42
C ARG A 283 -10.85 -7.30 -6.21
N ALA A 284 -10.21 -8.37 -5.74
CA ALA A 284 -9.29 -8.24 -4.61
C ALA A 284 -8.13 -7.30 -4.97
N THR A 285 -7.70 -7.36 -6.22
CA THR A 285 -6.62 -6.49 -6.71
C THR A 285 -7.09 -5.03 -6.67
N LEU A 286 -8.30 -4.79 -7.18
CA LEU A 286 -8.86 -3.44 -7.22
C LEU A 286 -9.10 -2.89 -5.80
N VAL A 287 -9.66 -3.72 -4.93
CA VAL A 287 -9.94 -3.30 -3.55
C VAL A 287 -8.66 -2.99 -2.80
N THR A 288 -7.64 -3.80 -3.04
CA THR A 288 -6.34 -3.58 -2.40
C THR A 288 -5.75 -2.21 -2.80
N ILE A 289 -5.78 -1.92 -4.09
CA ILE A 289 -5.26 -0.69 -4.62
C ILE A 289 -6.06 0.55 -4.20
N THR A 290 -7.38 0.48 -4.30
CA THR A 290 -8.22 1.63 -3.92
C THR A 290 -8.16 1.91 -2.42
N ASN A 291 -8.14 0.87 -1.60
CA ASN A 291 -8.06 1.07 -0.15
C ASN A 291 -6.73 1.74 0.23
N ASN A 292 -5.67 1.32 -0.44
CA ASN A 292 -4.34 1.86 -0.17
C ASN A 292 -4.28 3.34 -0.61
N ILE A 293 -4.77 3.63 -1.80
CA ILE A 293 -4.78 5.01 -2.30
C ILE A 293 -5.53 5.90 -1.31
N GLY A 294 -6.67 5.42 -0.83
CA GLY A 294 -7.45 6.19 0.13
C GLY A 294 -6.65 6.53 1.38
N SER A 295 -5.91 5.54 1.88
CA SER A 295 -5.09 5.76 3.07
C SER A 295 -4.00 6.81 2.82
N ILE A 296 -3.31 6.66 1.69
CA ILE A 296 -2.24 7.60 1.36
C ILE A 296 -2.79 9.02 1.21
N ALA A 297 -3.91 9.13 0.49
CA ALA A 297 -4.52 10.43 0.27
C ALA A 297 -4.97 11.06 1.60
N ARG A 298 -5.51 10.24 2.49
CA ARG A 298 -5.95 10.73 3.80
C ARG A 298 -4.79 11.26 4.65
N MET A 299 -3.68 10.51 4.68
CA MET A 299 -2.52 10.94 5.47
C MET A 299 -1.91 12.20 4.87
N CYS A 300 -1.97 12.30 3.55
CA CYS A 300 -1.43 13.48 2.87
C CYS A 300 -2.25 14.70 3.27
N ALA A 301 -3.58 14.55 3.28
CA ALA A 301 -4.47 15.64 3.67
C ALA A 301 -4.10 16.10 5.08
N LEU A 302 -3.92 15.13 5.97
CA LEU A 302 -3.57 15.43 7.36
C LEU A 302 -2.26 16.21 7.43
N ASN A 303 -1.21 15.69 6.80
CA ASN A 303 0.10 16.34 6.82
C ASN A 303 0.13 17.70 6.13
N GLU A 304 -0.69 17.89 5.10
CA GLU A 304 -0.71 19.16 4.39
C GLU A 304 -1.79 20.14 4.88
N ASN A 305 -2.57 19.72 5.88
CA ASN A 305 -3.65 20.54 6.44
C ASN A 305 -4.61 20.98 5.35
N ILE A 306 -4.90 20.07 4.41
CA ILE A 306 -5.84 20.37 3.32
C ILE A 306 -6.95 19.33 3.42
N ASP A 307 -8.19 19.79 3.55
CA ASP A 307 -9.33 18.89 3.71
C ASP A 307 -10.10 18.52 2.46
N ARG A 308 -9.87 19.22 1.34
CA ARG A 308 -10.57 18.90 0.12
C ARG A 308 -9.68 18.09 -0.81
N VAL A 309 -10.06 16.83 -1.01
CA VAL A 309 -9.28 15.91 -1.85
C VAL A 309 -10.08 15.47 -3.07
N VAL A 310 -9.61 15.86 -4.26
CA VAL A 310 -10.28 15.54 -5.52
C VAL A 310 -9.54 14.43 -6.27
N PHE A 311 -10.30 13.46 -6.78
CA PHE A 311 -9.72 12.33 -7.50
C PHE A 311 -10.02 12.36 -8.99
N VAL A 312 -8.97 12.19 -9.80
CA VAL A 312 -9.12 12.17 -11.24
C VAL A 312 -8.16 11.13 -11.83
N GLY A 313 -8.29 10.86 -13.11
CA GLY A 313 -7.38 9.90 -13.74
C GLY A 313 -8.06 8.81 -14.52
N ASN A 314 -7.36 8.31 -15.54
CA ASN A 314 -7.89 7.24 -16.38
C ASN A 314 -8.23 6.00 -15.55
N PHE A 315 -7.79 5.98 -14.31
CA PHE A 315 -8.08 4.85 -13.43
C PHE A 315 -9.57 4.84 -13.08
N LEU A 316 -10.26 5.93 -13.36
CA LEU A 316 -11.70 6.06 -13.08
C LEU A 316 -12.45 6.05 -14.41
N ARG A 317 -11.77 5.60 -15.46
CA ARG A 317 -12.30 5.58 -16.82
C ARG A 317 -13.66 5.00 -17.20
N ILE A 318 -13.98 3.77 -16.77
CA ILE A 318 -15.21 3.15 -17.23
C ILE A 318 -16.56 3.19 -16.51
N ASN A 319 -16.71 2.45 -15.42
CA ASN A 319 -17.97 2.45 -14.68
C ASN A 319 -17.75 3.27 -13.42
N MET A 320 -18.43 2.91 -12.33
CA MET A 320 -18.27 3.65 -11.10
C MET A 320 -17.74 2.78 -9.96
N VAL A 321 -17.37 1.54 -10.26
CA VAL A 321 -16.86 0.65 -9.23
C VAL A 321 -15.67 1.23 -8.49
N SER A 322 -14.67 1.71 -9.23
CA SER A 322 -13.47 2.27 -8.62
C SER A 322 -13.77 3.53 -7.84
N MET A 323 -14.60 4.40 -8.39
CA MET A 323 -14.96 5.64 -7.69
C MET A 323 -15.65 5.38 -6.36
N LYS A 324 -16.55 4.41 -6.30
CA LYS A 324 -17.24 4.09 -5.07
C LYS A 324 -16.32 3.41 -4.06
N LEU A 325 -15.34 2.66 -4.55
CA LEU A 325 -14.39 1.99 -3.67
C LEU A 325 -13.50 3.06 -3.04
N LEU A 326 -13.13 4.06 -3.82
CA LEU A 326 -12.28 5.14 -3.33
C LEU A 326 -13.08 5.98 -2.32
N ALA A 327 -14.36 6.17 -2.62
CA ALA A 327 -15.24 6.93 -1.73
C ALA A 327 -15.31 6.23 -0.36
N TYR A 328 -15.51 4.92 -0.40
CA TYR A 328 -15.58 4.15 0.83
C TYR A 328 -14.26 4.24 1.61
N ALA A 329 -13.16 4.16 0.88
CA ALA A 329 -11.82 4.22 1.48
C ALA A 329 -11.59 5.51 2.22
N MET A 330 -11.89 6.64 1.58
CA MET A 330 -11.70 7.94 2.21
C MET A 330 -12.51 8.07 3.50
N ASP A 331 -13.75 7.60 3.45
CA ASP A 331 -14.62 7.65 4.62
C ASP A 331 -14.05 6.75 5.72
N PHE A 332 -13.61 5.55 5.33
CA PHE A 332 -13.02 4.62 6.29
C PHE A 332 -11.80 5.18 7.01
N TRP A 333 -10.77 5.55 6.24
CA TRP A 333 -9.54 6.05 6.82
C TRP A 333 -9.68 7.37 7.58
N SER A 334 -10.63 8.20 7.19
CA SER A 334 -10.81 9.49 7.86
C SER A 334 -11.87 9.42 8.95
N LYS A 335 -12.41 8.24 9.18
CA LYS A 335 -13.43 8.04 10.21
C LYS A 335 -14.61 8.98 9.96
N GLY A 336 -14.97 9.12 8.69
CA GLY A 336 -16.09 9.96 8.30
C GLY A 336 -15.87 11.46 8.27
N GLN A 337 -14.63 11.90 8.43
CA GLN A 337 -14.33 13.33 8.43
C GLN A 337 -14.01 13.92 7.05
N LEU A 338 -13.53 13.09 6.14
CA LEU A 338 -13.20 13.54 4.80
C LEU A 338 -13.93 12.70 3.76
N LYS A 339 -14.33 13.34 2.66
CA LYS A 339 -15.01 12.65 1.57
C LYS A 339 -14.16 12.72 0.31
N ALA A 340 -14.30 11.71 -0.54
CA ALA A 340 -13.58 11.70 -1.81
C ALA A 340 -14.41 12.58 -2.75
N LEU A 341 -13.76 13.56 -3.35
CA LEU A 341 -14.44 14.45 -4.27
C LEU A 341 -14.13 14.08 -5.73
N PHE A 342 -15.15 14.13 -6.58
CA PHE A 342 -14.98 13.80 -7.99
C PHE A 342 -15.55 14.94 -8.84
N LEU A 343 -15.18 14.97 -10.11
CA LEU A 343 -15.64 16.02 -11.02
C LEU A 343 -16.44 15.46 -12.20
N GLU A 344 -17.56 16.11 -12.51
CA GLU A 344 -18.44 15.68 -13.60
C GLU A 344 -17.77 15.50 -14.97
N HIS A 345 -16.85 16.39 -15.31
CA HIS A 345 -16.20 16.32 -16.62
C HIS A 345 -14.83 15.65 -16.63
N GLU A 346 -14.57 14.79 -15.66
CA GLU A 346 -13.30 14.08 -15.58
C GLU A 346 -13.03 13.38 -16.90
N GLY A 347 -11.80 13.47 -17.39
CA GLY A 347 -11.45 12.83 -18.65
C GLY A 347 -11.26 13.82 -19.78
N TYR A 348 -11.91 14.99 -19.68
CA TYR A 348 -11.79 16.00 -20.73
C TYR A 348 -11.02 17.24 -20.30
N PHE A 349 -10.63 17.31 -19.04
CA PHE A 349 -9.90 18.48 -18.55
C PHE A 349 -8.64 18.80 -19.35
N GLY A 350 -7.93 17.77 -19.79
CA GLY A 350 -6.73 18.00 -20.57
C GLY A 350 -7.07 18.71 -21.87
N ALA A 351 -8.16 18.28 -22.50
CA ALA A 351 -8.60 18.87 -23.76
C ALA A 351 -9.01 20.32 -23.54
N VAL A 352 -9.71 20.58 -22.43
CA VAL A 352 -10.14 21.93 -22.11
C VAL A 352 -8.92 22.80 -21.85
N GLY A 353 -7.94 22.25 -21.14
CA GLY A 353 -6.73 23.00 -20.85
C GLY A 353 -6.09 23.41 -22.16
N ALA A 354 -6.10 22.52 -23.13
CA ALA A 354 -5.51 22.78 -24.45
C ALA A 354 -6.23 23.96 -25.10
N LEU A 355 -7.55 23.93 -25.05
CA LEU A 355 -8.38 24.99 -25.63
C LEU A 355 -8.04 26.35 -25.05
N LEU A 356 -7.94 26.43 -23.73
CA LEU A 356 -7.63 27.69 -23.05
C LEU A 356 -6.32 28.30 -23.53
N GLU A 357 -5.41 27.46 -24.02
CA GLU A 357 -4.12 27.92 -24.50
C GLU A 357 -4.25 28.79 -25.75
N LEU A 358 -5.28 28.53 -26.55
CA LEU A 358 -5.52 29.29 -27.77
C LEU A 358 -5.58 30.79 -27.51
N PHE A 359 -6.18 31.16 -26.39
CA PHE A 359 -6.32 32.57 -26.02
C PHE A 359 -5.01 33.11 -25.43
N LYS A 360 -3.90 32.50 -25.82
CA LYS A 360 -2.59 32.92 -25.35
C LYS A 360 -1.54 32.82 -26.45
N PRO B 1 9.27 -14.54 43.94
CA PRO B 1 8.82 -15.64 43.05
C PRO B 1 9.78 -16.84 43.11
N PRO B 2 9.26 -18.05 42.93
CA PRO B 2 10.00 -19.31 42.95
C PRO B 2 10.67 -19.78 41.67
N PHE B 3 11.87 -20.33 41.82
CA PHE B 3 12.61 -20.83 40.68
C PHE B 3 11.89 -21.87 39.89
N PRO B 4 12.27 -22.00 38.62
CA PRO B 4 12.68 -22.15 37.21
C PRO B 4 11.81 -21.09 36.57
N TRP B 5 12.40 -19.94 36.28
CA TRP B 5 11.66 -18.84 35.68
C TRP B 5 11.64 -18.92 34.16
N PHE B 6 10.48 -19.26 33.61
CA PHE B 6 10.33 -19.37 32.17
C PHE B 6 9.33 -18.37 31.61
N GLY B 7 9.38 -18.22 30.29
CA GLY B 7 8.48 -17.36 29.55
C GLY B 7 8.28 -18.07 28.23
N MET B 8 7.05 -18.18 27.76
CA MET B 8 6.80 -18.88 26.51
C MET B 8 5.88 -18.17 25.52
N ASP B 9 6.24 -18.29 24.25
CA ASP B 9 5.45 -17.73 23.17
C ASP B 9 5.13 -18.91 22.27
N ILE B 10 3.94 -19.47 22.45
CA ILE B 10 3.51 -20.64 21.68
C ILE B 10 2.70 -20.26 20.45
N GLY B 11 3.38 -20.18 19.31
CA GLY B 11 2.70 -19.84 18.08
C GLY B 11 2.18 -21.09 17.40
N GLY B 12 1.20 -20.94 16.52
CA GLY B 12 0.64 -22.09 15.82
C GLY B 12 1.66 -22.77 14.93
N THR B 13 2.87 -22.25 14.90
CA THR B 13 3.93 -22.82 14.08
C THR B 13 5.24 -23.03 14.84
N LEU B 14 5.82 -21.92 15.30
CA LEU B 14 7.08 -21.98 16.03
C LEU B 14 6.88 -21.59 17.49
N VAL B 15 7.64 -22.23 18.37
CA VAL B 15 7.54 -21.95 19.80
C VAL B 15 8.82 -21.27 20.28
N LYS B 16 8.66 -20.20 21.05
CA LYS B 16 9.81 -19.49 21.60
C LYS B 16 9.82 -19.61 23.10
N LEU B 17 10.97 -19.97 23.64
CA LEU B 17 11.12 -20.14 25.07
C LEU B 17 12.32 -19.37 25.59
N VAL B 18 12.14 -18.62 26.66
CA VAL B 18 13.23 -17.86 27.27
C VAL B 18 13.36 -18.37 28.70
N TYR B 19 14.60 -18.56 29.14
CA TYR B 19 14.87 -19.06 30.48
C TYR B 19 15.98 -18.30 31.19
N PHE B 20 15.69 -17.80 32.37
CA PHE B 20 16.66 -17.07 33.17
C PHE B 20 17.41 -18.01 34.10
N GLU B 21 18.67 -18.29 33.75
CA GLU B 21 19.51 -19.18 34.54
C GLU B 21 20.21 -18.43 35.66
N PRO B 22 19.85 -18.71 36.91
CA PRO B 22 20.47 -18.03 38.06
C PRO B 22 21.95 -18.38 38.16
N LYS B 23 22.78 -17.37 38.40
CA LYS B 23 24.22 -17.60 38.53
C LYS B 23 24.61 -17.67 40.00
N ASP B 24 25.35 -18.71 40.35
CA ASP B 24 25.80 -18.89 41.73
C ASP B 24 24.58 -18.98 42.65
N ILE B 25 24.13 -20.21 42.91
CA ILE B 25 22.97 -20.43 43.77
C ILE B 25 23.24 -19.93 45.20
N LYS B 38 16.21 -29.92 39.68
CA LYS B 38 17.38 -29.15 39.29
C LYS B 38 18.13 -29.83 38.14
N SER B 39 17.62 -30.99 37.72
CA SER B 39 18.23 -31.73 36.62
C SER B 39 17.88 -31.05 35.30
N ILE B 40 16.88 -30.18 35.36
CA ILE B 40 16.43 -29.45 34.17
C ILE B 40 17.45 -28.35 33.86
N ARG B 41 18.02 -27.77 34.92
CA ARG B 41 19.01 -26.71 34.77
C ARG B 41 20.22 -27.23 34.00
N LYS B 42 20.67 -28.43 34.36
CA LYS B 42 21.82 -29.04 33.72
C LYS B 42 21.51 -29.39 32.27
N TYR B 43 20.30 -29.88 32.02
CA TYR B 43 19.88 -30.26 30.67
C TYR B 43 19.94 -29.08 29.69
N LEU B 44 19.48 -27.92 30.14
CA LEU B 44 19.48 -26.73 29.30
C LEU B 44 20.88 -26.20 29.03
N THR B 45 21.64 -26.00 30.10
CA THR B 45 23.00 -25.47 30.01
C THR B 45 24.01 -26.38 29.31
N SER B 46 23.86 -27.69 29.50
CA SER B 46 24.79 -28.65 28.89
C SER B 46 24.39 -29.09 27.49
N ASN B 47 23.39 -28.44 26.91
CA ASN B 47 22.93 -28.81 25.57
C ASN B 47 22.69 -27.58 24.69
N THR B 48 23.13 -27.66 23.44
CA THR B 48 22.95 -26.57 22.49
C THR B 48 21.73 -26.90 21.62
N ALA B 49 21.44 -28.18 21.50
CA ALA B 49 20.29 -28.65 20.73
C ALA B 49 19.48 -29.59 21.63
N TYR B 50 18.16 -29.57 21.46
CA TYR B 50 17.30 -30.41 22.30
C TYR B 50 16.34 -31.26 21.48
N GLY B 51 16.10 -32.47 21.96
CA GLY B 51 15.18 -33.39 21.29
C GLY B 51 15.33 -33.50 19.79
N LYS B 52 16.54 -33.31 19.28
CA LYS B 52 16.81 -33.41 17.84
C LYS B 52 15.96 -32.43 17.04
N THR B 53 15.45 -31.39 17.69
CA THR B 53 14.63 -30.41 17.00
C THR B 53 14.81 -29.01 17.58
N GLY B 54 14.82 -28.93 18.91
CA GLY B 54 15.00 -27.65 19.57
C GLY B 54 16.37 -27.04 19.32
N ILE B 55 16.44 -25.72 19.38
CA ILE B 55 17.69 -25.01 19.15
C ILE B 55 17.81 -23.85 20.14
N ARG B 56 19.01 -23.67 20.66
CA ARG B 56 19.29 -22.61 21.62
C ARG B 56 20.27 -21.60 21.01
N ASP B 57 19.74 -20.43 20.66
CA ASP B 57 20.57 -19.38 20.06
C ASP B 57 21.50 -18.77 21.09
N VAL B 58 22.70 -19.34 21.20
CA VAL B 58 23.69 -18.86 22.15
C VAL B 58 24.11 -17.42 21.91
N HIS B 59 24.17 -17.01 20.65
CA HIS B 59 24.57 -15.65 20.31
C HIS B 59 23.64 -14.57 20.87
N LEU B 60 22.40 -14.95 21.17
CA LEU B 60 21.44 -13.99 21.72
C LEU B 60 21.47 -13.95 23.25
N GLU B 61 22.15 -14.92 23.84
CA GLU B 61 22.25 -15.01 25.29
C GLU B 61 22.67 -13.70 25.94
N LEU B 62 21.94 -13.30 26.98
CA LEU B 62 22.26 -12.09 27.73
C LEU B 62 22.93 -12.48 29.03
N LYS B 63 24.19 -12.07 29.19
CA LYS B 63 24.95 -12.42 30.39
C LYS B 63 25.05 -11.33 31.45
N ASN B 64 25.30 -11.75 32.68
CA ASN B 64 25.45 -10.85 33.83
C ASN B 64 24.21 -9.98 34.02
N LEU B 65 23.05 -10.55 33.72
CA LEU B 65 21.79 -9.83 33.86
C LEU B 65 21.23 -10.00 35.27
N THR B 66 20.59 -8.94 35.78
CA THR B 66 20.02 -8.98 37.12
C THR B 66 18.50 -8.83 37.06
N MET B 67 17.79 -9.89 37.46
CA MET B 67 16.33 -9.87 37.46
C MET B 67 15.78 -9.99 38.88
N ARG B 70 18.36 -11.01 41.39
CA ARG B 70 19.52 -11.88 41.37
C ARG B 70 20.23 -11.87 40.02
N LYS B 71 21.53 -12.14 40.04
CA LYS B 71 22.33 -12.16 38.81
C LYS B 71 22.19 -13.49 38.09
N GLY B 72 22.11 -13.43 36.76
CA GLY B 72 21.98 -14.64 35.98
C GLY B 72 22.09 -14.35 34.49
N ASN B 73 21.84 -15.36 33.67
CA ASN B 73 21.90 -15.21 32.22
C ASN B 73 20.55 -15.55 31.61
N LEU B 74 20.15 -14.81 30.58
CA LEU B 74 18.88 -15.05 29.90
C LEU B 74 19.13 -15.83 28.62
N HIS B 75 18.52 -17.00 28.52
CA HIS B 75 18.69 -17.87 27.36
C HIS B 75 17.49 -17.82 26.41
N PHE B 76 17.75 -18.00 25.13
CA PHE B 76 16.72 -17.99 24.11
C PHE B 76 16.70 -19.30 23.32
N ILE B 77 15.59 -20.01 23.45
CA ILE B 77 15.42 -21.30 22.79
C ILE B 77 14.20 -21.31 21.87
N ARG B 78 14.28 -22.10 20.82
CA ARG B 78 13.17 -22.20 19.86
C ARG B 78 13.02 -23.62 19.33
N PHE B 79 11.80 -23.98 18.98
CA PHE B 79 11.51 -25.30 18.43
C PHE B 79 10.11 -25.35 17.86
N PRO B 80 9.88 -26.20 16.84
CA PRO B 80 8.59 -26.35 16.18
C PRO B 80 7.46 -26.67 17.16
N SER B 81 6.26 -26.17 16.84
CA SER B 81 5.10 -26.40 17.68
C SER B 81 4.69 -27.88 17.65
N CYS B 82 5.33 -28.63 16.76
CA CYS B 82 5.07 -30.06 16.62
C CYS B 82 5.62 -30.80 17.83
N ALA B 83 6.86 -30.46 18.20
CA ALA B 83 7.53 -31.09 19.32
C ALA B 83 7.01 -30.58 20.66
N MET B 84 5.85 -29.94 20.64
CA MET B 84 5.26 -29.41 21.86
C MET B 84 4.79 -30.54 22.76
N HIS B 85 4.39 -31.65 22.15
CA HIS B 85 3.94 -32.81 22.91
C HIS B 85 5.11 -33.42 23.66
N ARG B 86 6.26 -33.50 22.97
CA ARG B 86 7.47 -34.05 23.57
C ARG B 86 7.87 -33.14 24.72
N PHE B 87 7.76 -31.83 24.47
CA PHE B 87 8.11 -30.81 25.46
C PHE B 87 7.33 -31.03 26.75
N ILE B 88 6.03 -31.29 26.62
CA ILE B 88 5.17 -31.52 27.78
C ILE B 88 5.64 -32.75 28.55
N GLN B 89 5.95 -33.82 27.80
CA GLN B 89 6.40 -35.06 28.41
C GLN B 89 7.67 -34.83 29.22
N MET B 90 8.61 -34.08 28.64
CA MET B 90 9.86 -33.76 29.31
C MET B 90 9.64 -32.83 30.48
N CYS B 104 3.11 -18.89 32.54
CA CYS B 104 2.92 -17.67 31.74
C CYS B 104 3.31 -17.90 30.29
N ALA B 105 2.34 -17.77 29.39
CA ALA B 105 2.60 -17.97 27.97
C ALA B 105 1.64 -17.16 27.09
N THR B 106 2.10 -16.85 25.88
CA THR B 106 1.30 -16.09 24.93
C THR B 106 1.36 -16.82 23.59
N GLY B 107 0.74 -16.24 22.57
CA GLY B 107 0.75 -16.87 21.26
C GLY B 107 -0.56 -17.59 20.97
N GLY B 108 -0.87 -17.73 19.68
CA GLY B 108 -2.11 -18.39 19.29
C GLY B 108 -2.13 -19.88 19.61
N GLY B 109 -0.96 -20.49 19.73
CA GLY B 109 -0.90 -21.91 20.01
C GLY B 109 -1.03 -22.22 21.49
N ALA B 110 -1.17 -21.18 22.31
CA ALA B 110 -1.30 -21.36 23.75
C ALA B 110 -2.60 -22.08 24.09
N PHE B 111 -3.69 -21.68 23.44
CA PHE B 111 -5.00 -22.30 23.67
C PHE B 111 -5.01 -23.75 23.22
N LYS B 112 -4.70 -23.96 21.94
CA LYS B 112 -4.68 -25.30 21.34
C LYS B 112 -4.07 -26.37 22.24
N PHE B 113 -2.91 -26.08 22.82
CA PHE B 113 -2.24 -27.06 23.68
C PHE B 113 -2.59 -26.96 25.15
N GLU B 114 -3.52 -26.07 25.50
CA GLU B 114 -3.91 -25.92 26.89
C GLU B 114 -4.40 -27.26 27.43
N GLU B 115 -4.96 -28.08 26.55
CA GLU B 115 -5.46 -29.39 26.92
C GLU B 115 -4.28 -30.28 27.32
N ASP B 116 -3.41 -30.53 26.34
CA ASP B 116 -2.23 -31.36 26.55
C ASP B 116 -1.43 -30.94 27.78
N PHE B 117 -1.30 -29.63 27.97
CA PHE B 117 -0.57 -29.11 29.11
C PHE B 117 -1.17 -29.59 30.43
N ARG B 118 -2.43 -30.00 30.39
CA ARG B 118 -3.11 -30.47 31.60
C ARG B 118 -3.28 -31.99 31.62
N MET B 119 -3.72 -32.55 30.49
CA MET B 119 -3.93 -33.99 30.39
C MET B 119 -2.65 -34.75 30.71
N ILE B 120 -1.55 -34.36 30.09
CA ILE B 120 -0.26 -35.01 30.31
C ILE B 120 0.38 -34.45 31.58
N ALA B 121 1.10 -33.35 31.44
CA ALA B 121 1.76 -32.72 32.58
C ALA B 121 0.74 -31.92 33.38
N ASP B 122 1.20 -30.82 33.98
CA ASP B 122 0.32 -29.97 34.78
C ASP B 122 0.12 -28.63 34.07
N LEU B 123 -1.14 -28.30 33.80
CA LEU B 123 -1.47 -27.05 33.12
C LEU B 123 -1.01 -25.82 33.89
N GLN B 124 -1.93 -25.16 34.59
CA GLN B 124 -1.62 -23.97 35.35
C GLN B 124 -1.10 -22.92 34.35
N LEU B 125 -1.62 -23.00 33.13
CA LEU B 125 -1.23 -22.10 32.05
C LEU B 125 -1.97 -20.77 32.09
N HIS B 126 -1.22 -19.68 32.21
CA HIS B 126 -1.79 -18.35 32.25
C HIS B 126 -1.61 -17.69 30.88
N LYS B 127 -2.69 -17.63 30.11
CA LYS B 127 -2.68 -17.03 28.78
C LYS B 127 -2.46 -15.52 28.86
N LEU B 128 -1.54 -15.01 28.05
CA LEU B 128 -1.23 -13.59 28.03
C LEU B 128 -1.40 -12.97 26.65
N ASP B 129 -1.77 -11.69 26.61
CA ASP B 129 -1.98 -10.98 25.37
C ASP B 129 -0.70 -10.84 24.54
N GLU B 130 -0.78 -11.21 23.27
CA GLU B 130 0.36 -11.15 22.35
C GLU B 130 0.99 -9.75 22.26
N LEU B 131 0.17 -8.74 22.02
CA LEU B 131 0.67 -7.38 21.87
C LEU B 131 1.35 -6.82 23.12
N ASP B 132 0.71 -6.96 24.27
CA ASP B 132 1.32 -6.43 25.48
C ASP B 132 2.61 -7.16 25.84
N CYS B 133 2.70 -8.45 25.51
CA CYS B 133 3.92 -9.19 25.80
C CYS B 133 5.04 -8.71 24.87
N LEU B 134 4.69 -8.50 23.61
CA LEU B 134 5.65 -8.02 22.62
C LEU B 134 6.25 -6.69 23.08
N ILE B 135 5.38 -5.75 23.41
CA ILE B 135 5.83 -4.42 23.85
C ILE B 135 6.68 -4.48 25.12
N GLN B 136 6.20 -5.18 26.14
CA GLN B 136 6.95 -5.29 27.38
C GLN B 136 8.31 -5.95 27.16
N GLY B 137 8.35 -7.02 26.37
CA GLY B 137 9.61 -7.69 26.13
C GLY B 137 10.58 -6.82 25.35
N LEU B 138 10.07 -6.18 24.31
CA LEU B 138 10.86 -5.31 23.45
C LEU B 138 11.50 -4.18 24.27
N LEU B 139 10.70 -3.53 25.11
CA LEU B 139 11.19 -2.44 25.93
C LEU B 139 12.20 -2.90 26.98
N TYR B 140 11.95 -4.08 27.55
CA TYR B 140 12.86 -4.62 28.57
C TYR B 140 14.23 -4.95 27.99
N VAL B 141 14.26 -5.65 26.86
CA VAL B 141 15.52 -6.01 26.24
C VAL B 141 16.31 -4.76 25.83
N ASP B 142 15.62 -3.79 25.28
CA ASP B 142 16.29 -2.56 24.85
C ASP B 142 16.86 -1.82 26.05
N SER B 143 16.20 -1.92 27.20
CA SER B 143 16.64 -1.24 28.41
C SER B 143 17.89 -1.87 29.04
N VAL B 144 18.05 -3.18 28.94
CA VAL B 144 19.21 -3.86 29.52
C VAL B 144 20.37 -3.97 28.54
N GLY B 145 20.09 -3.79 27.26
CA GLY B 145 21.15 -3.87 26.28
C GLY B 145 21.54 -5.28 25.88
N PHE B 146 22.45 -5.38 24.91
CA PHE B 146 22.92 -6.65 24.39
C PHE B 146 24.39 -6.86 24.77
N ASN B 147 24.62 -7.24 26.03
CA ASN B 147 25.97 -7.47 26.55
C ASN B 147 26.93 -6.33 26.23
N GLY B 148 26.58 -5.12 26.65
CA GLY B 148 27.43 -3.98 26.41
C GLY B 148 27.23 -3.28 25.07
N LYS B 149 26.44 -3.89 24.19
CA LYS B 149 26.18 -3.32 22.87
C LYS B 149 24.68 -2.98 22.76
N PRO B 150 24.32 -2.17 21.74
CA PRO B 150 22.92 -1.81 21.57
C PRO B 150 22.07 -2.99 21.08
N GLU B 151 20.79 -2.97 21.44
CA GLU B 151 19.86 -3.99 21.00
C GLU B 151 19.33 -3.57 19.60
N CYS B 152 19.42 -2.28 19.32
CA CYS B 152 18.91 -1.71 18.08
C CYS B 152 19.99 -1.55 16.99
N TYR B 153 19.58 -1.69 15.73
CA TYR B 153 20.50 -1.52 14.60
C TYR B 153 19.76 -1.08 13.33
N TYR B 154 20.54 -0.68 12.34
CA TYR B 154 19.98 -0.25 11.07
C TYR B 154 20.93 -0.69 9.98
N PHE B 155 20.57 -0.44 8.72
CA PHE B 155 21.42 -0.80 7.60
C PHE B 155 21.91 0.40 6.81
N GLU B 156 23.21 0.47 6.57
CA GLU B 156 23.81 1.55 5.77
C GLU B 156 23.98 0.96 4.37
N ASN B 157 23.57 1.69 3.34
CA ASN B 157 23.66 1.21 1.96
C ASN B 157 23.04 -0.19 1.84
N PRO B 158 21.75 -0.32 2.22
CA PRO B 158 20.99 -1.57 2.18
C PRO B 158 20.90 -2.32 0.85
N THR B 159 20.75 -1.60 -0.25
CA THR B 159 20.64 -2.25 -1.56
C THR B 159 21.94 -2.42 -2.32
N ASN B 160 23.06 -2.18 -1.65
CA ASN B 160 24.38 -2.33 -2.27
C ASN B 160 25.11 -3.49 -1.60
N PRO B 161 25.03 -4.68 -2.20
CA PRO B 161 25.67 -5.89 -1.67
C PRO B 161 27.11 -5.71 -1.20
N GLU B 162 27.85 -4.85 -1.89
CA GLU B 162 29.25 -4.61 -1.55
C GLU B 162 29.46 -3.58 -0.44
N LEU B 163 28.54 -2.63 -0.33
CA LEU B 163 28.65 -1.59 0.69
C LEU B 163 27.70 -1.78 1.87
N CYS B 164 26.67 -2.59 1.67
CA CYS B 164 25.68 -2.83 2.73
C CYS B 164 26.33 -3.27 4.04
N GLN B 165 25.88 -2.66 5.14
CA GLN B 165 26.42 -2.99 6.45
C GLN B 165 25.43 -2.74 7.58
N LYS B 166 25.31 -3.73 8.45
CA LYS B 166 24.45 -3.65 9.63
C LYS B 166 25.23 -2.80 10.62
N LYS B 167 24.59 -1.77 11.18
CA LYS B 167 25.26 -0.90 12.13
C LYS B 167 24.45 -0.71 13.42
N PRO B 168 25.14 -0.64 14.56
CA PRO B 168 24.46 -0.47 15.84
C PRO B 168 23.93 0.94 16.02
N TYR B 169 22.82 1.06 16.74
CA TYR B 169 22.19 2.35 16.99
C TYR B 169 21.72 2.34 18.44
N CYS B 170 22.29 3.21 19.28
CA CYS B 170 21.91 3.25 20.68
C CYS B 170 20.53 3.85 20.90
N LEU B 171 19.57 3.03 21.29
CA LEU B 171 18.22 3.49 21.54
C LEU B 171 17.96 3.41 23.05
N ASP B 172 18.71 4.21 23.82
CA ASP B 172 18.58 4.18 25.28
C ASP B 172 17.27 4.74 25.82
N ASN B 173 16.68 5.68 25.10
CA ASN B 173 15.40 6.25 25.53
C ASN B 173 14.45 6.08 24.35
N PRO B 174 13.75 4.93 24.30
CA PRO B 174 12.82 4.65 23.21
C PRO B 174 11.51 5.43 23.20
N TYR B 175 11.30 6.32 24.16
CA TYR B 175 10.04 7.08 24.22
C TYR B 175 10.21 8.52 23.74
N PRO B 176 9.41 8.94 22.75
CA PRO B 176 8.40 8.11 22.07
C PRO B 176 8.98 7.44 20.84
N MET B 177 8.29 6.40 20.36
CA MET B 177 8.75 5.70 19.17
C MET B 177 7.54 5.15 18.43
N LEU B 178 7.72 4.86 17.16
CA LEU B 178 6.66 4.28 16.36
C LEU B 178 7.07 2.83 16.18
N LEU B 179 6.14 1.91 16.41
CA LEU B 179 6.44 0.49 16.25
C LEU B 179 5.60 -0.04 15.10
N VAL B 180 6.29 -0.53 14.07
CA VAL B 180 5.63 -1.06 12.88
C VAL B 180 5.67 -2.58 13.02
N ASN B 181 4.53 -3.16 13.38
CA ASN B 181 4.46 -4.61 13.62
C ASN B 181 3.88 -5.28 12.39
N MET B 182 4.75 -6.00 11.68
CA MET B 182 4.36 -6.66 10.43
C MET B 182 4.11 -8.16 10.52
N GLY B 183 2.84 -8.53 10.54
CA GLY B 183 2.46 -9.93 10.57
C GLY B 183 1.79 -10.20 9.23
N SER B 184 0.59 -10.78 9.23
CA SER B 184 -0.10 -11.03 7.95
C SER B 184 -0.42 -9.64 7.41
N GLY B 185 -0.84 -8.76 8.31
CA GLY B 185 -1.13 -7.39 7.94
C GLY B 185 -0.16 -6.49 8.72
N VAL B 186 -0.37 -5.18 8.70
CA VAL B 186 0.54 -4.27 9.41
C VAL B 186 -0.17 -3.31 10.34
N SER B 187 0.35 -3.18 11.57
CA SER B 187 -0.20 -2.26 12.56
C SER B 187 0.92 -1.35 12.99
N ILE B 188 0.63 -0.05 13.11
CA ILE B 188 1.64 0.91 13.52
C ILE B 188 1.18 1.53 14.82
N LEU B 189 2.00 1.40 15.84
CA LEU B 189 1.65 1.92 17.15
C LEU B 189 2.60 3.01 17.64
N ALA B 190 2.05 3.97 18.37
CA ALA B 190 2.84 5.07 18.94
C ALA B 190 3.04 4.68 20.40
N VAL B 191 4.31 4.56 20.82
CA VAL B 191 4.64 4.13 22.17
C VAL B 191 5.18 5.33 22.94
N TYR B 192 4.45 5.75 23.98
CA TYR B 192 4.87 6.89 24.80
C TYR B 192 5.35 6.46 26.19
N SER B 193 5.01 5.24 26.59
CA SER B 193 5.41 4.70 27.88
C SER B 193 5.15 3.19 27.86
N LYS B 194 5.65 2.49 28.88
CA LYS B 194 5.46 1.04 28.97
C LYS B 194 4.00 0.60 28.80
N ASP B 195 3.08 1.37 29.38
CA ASP B 195 1.66 1.03 29.30
C ASP B 195 0.85 1.88 28.35
N ASN B 196 1.49 2.84 27.70
CA ASN B 196 0.77 3.69 26.78
C ASN B 196 1.26 3.54 25.33
N TYR B 197 0.54 2.72 24.59
CA TYR B 197 0.84 2.49 23.20
C TYR B 197 -0.53 2.38 22.55
N LYS B 198 -0.73 3.14 21.48
CA LYS B 198 -2.00 3.10 20.80
C LYS B 198 -1.73 2.90 19.32
N ARG B 199 -2.67 2.23 18.65
CA ARG B 199 -2.54 1.97 17.22
C ARG B 199 -2.86 3.26 16.49
N VAL B 200 -1.87 3.78 15.75
CA VAL B 200 -2.01 5.02 14.99
C VAL B 200 -2.74 4.73 13.68
N THR B 201 -2.30 3.69 13.01
CA THR B 201 -2.92 3.29 11.74
C THR B 201 -2.37 1.92 11.36
N GLY B 202 -2.49 1.58 10.09
CA GLY B 202 -1.96 0.30 9.62
C GLY B 202 -2.27 0.12 8.14
N THR B 203 -1.91 -1.05 7.62
CA THR B 203 -2.19 -1.35 6.21
C THR B 203 -2.46 -2.84 6.05
N SER B 204 -3.31 -3.20 5.10
CA SER B 204 -3.63 -4.60 4.88
C SER B 204 -2.60 -5.23 3.93
N LEU B 205 -1.64 -4.43 3.44
CA LEU B 205 -0.61 -4.97 2.53
C LEU B 205 0.62 -5.31 3.36
N GLY B 206 0.66 -6.55 3.87
CA GLY B 206 1.77 -6.97 4.71
C GLY B 206 2.40 -8.28 4.29
N GLY B 207 2.94 -9.00 5.26
CA GLY B 207 3.57 -10.28 4.98
C GLY B 207 2.62 -11.27 4.35
N GLY B 208 1.37 -11.25 4.78
CA GLY B 208 0.39 -12.18 4.23
C GLY B 208 0.12 -11.87 2.76
N THR B 209 0.18 -10.59 2.42
CA THR B 209 -0.04 -10.17 1.04
C THR B 209 1.14 -10.67 0.18
N PHE B 210 2.35 -10.54 0.71
CA PHE B 210 3.55 -10.98 0.00
C PHE B 210 3.48 -12.49 -0.30
N LEU B 211 3.25 -13.29 0.74
CA LEU B 211 3.18 -14.74 0.53
C LEU B 211 1.99 -15.15 -0.32
N GLY B 212 0.83 -14.56 -0.03
CA GLY B 212 -0.36 -14.86 -0.79
C GLY B 212 -0.15 -14.64 -2.29
N LEU B 213 0.34 -13.45 -2.65
CA LEU B 213 0.58 -13.14 -4.05
C LEU B 213 1.67 -14.02 -4.64
N CYS B 214 2.72 -14.27 -3.86
CA CYS B 214 3.80 -15.12 -4.34
C CYS B 214 3.29 -16.52 -4.68
N CYS B 215 2.44 -17.07 -3.82
CA CYS B 215 1.87 -18.38 -4.07
C CYS B 215 1.11 -18.38 -5.39
N LEU B 216 0.27 -17.37 -5.59
CA LEU B 216 -0.50 -17.26 -6.82
C LEU B 216 0.34 -17.00 -8.06
N LEU B 217 1.38 -16.19 -7.92
CA LEU B 217 2.22 -15.83 -9.04
C LEU B 217 3.36 -16.79 -9.39
N THR B 218 3.87 -17.50 -8.40
CA THR B 218 5.00 -18.39 -8.65
C THR B 218 4.77 -19.85 -8.31
N GLY B 219 3.67 -20.15 -7.62
CA GLY B 219 3.40 -21.53 -7.25
C GLY B 219 4.16 -22.00 -6.02
N CYS B 220 4.85 -21.09 -5.33
CA CYS B 220 5.59 -21.48 -4.13
C CYS B 220 4.57 -21.78 -3.04
N GLU B 221 5.02 -22.32 -1.92
CA GLU B 221 4.10 -22.64 -0.84
C GLU B 221 4.45 -22.03 0.51
N THR B 222 5.73 -21.79 0.77
CA THR B 222 6.13 -21.24 2.07
C THR B 222 6.82 -19.88 2.01
N PHE B 223 6.88 -19.22 3.16
CA PHE B 223 7.51 -17.92 3.31
C PHE B 223 8.98 -18.03 2.97
N GLU B 224 9.65 -19.06 3.50
CA GLU B 224 11.07 -19.27 3.26
C GLU B 224 11.38 -19.35 1.76
N GLU B 225 10.53 -20.07 1.03
CA GLU B 225 10.73 -20.22 -0.40
C GLU B 225 10.55 -18.90 -1.13
N ALA B 226 9.46 -18.19 -0.80
CA ALA B 226 9.16 -16.92 -1.43
C ALA B 226 10.26 -15.89 -1.18
N LEU B 227 10.73 -15.82 0.06
CA LEU B 227 11.79 -14.88 0.42
C LEU B 227 13.12 -15.20 -0.27
N GLU B 228 13.45 -16.49 -0.38
CA GLU B 228 14.70 -16.88 -1.05
C GLU B 228 14.60 -16.48 -2.52
N MET B 229 13.42 -16.63 -3.08
CA MET B 229 13.18 -16.25 -4.47
C MET B 229 13.34 -14.74 -4.65
N ALA B 230 12.71 -13.99 -3.75
CA ALA B 230 12.77 -12.53 -3.82
C ALA B 230 14.20 -12.00 -3.71
N ALA B 231 15.00 -12.63 -2.87
CA ALA B 231 16.38 -12.20 -2.68
C ALA B 231 17.21 -12.33 -3.95
N LYS B 232 16.81 -13.25 -4.83
CA LYS B 232 17.56 -13.47 -6.06
C LYS B 232 17.00 -12.76 -7.30
N GLY B 233 15.79 -12.25 -7.21
CA GLY B 233 15.17 -11.60 -8.35
C GLY B 233 15.50 -10.15 -8.64
N ASP B 234 15.01 -9.69 -9.79
CA ASP B 234 15.19 -8.32 -10.25
C ASP B 234 13.80 -7.79 -10.56
N SER B 235 13.31 -6.86 -9.74
CA SER B 235 11.98 -6.30 -9.92
C SER B 235 11.84 -5.28 -11.07
N THR B 236 12.95 -4.72 -11.52
CA THR B 236 12.87 -3.72 -12.58
C THR B 236 12.42 -4.33 -13.91
N ASN B 237 12.32 -5.65 -13.97
CA ASN B 237 11.83 -6.30 -15.19
C ASN B 237 10.30 -6.29 -15.19
N VAL B 238 9.71 -6.32 -14.00
CA VAL B 238 8.26 -6.36 -13.90
C VAL B 238 7.65 -5.00 -13.61
N ASP B 239 8.37 -4.15 -12.89
CA ASP B 239 7.88 -2.81 -12.56
C ASP B 239 8.25 -1.81 -13.64
N LYS B 240 7.41 -0.79 -13.81
CA LYS B 240 7.68 0.27 -14.77
C LYS B 240 8.39 1.37 -13.97
N LEU B 241 9.58 1.77 -14.41
CA LEU B 241 10.34 2.79 -13.71
C LEU B 241 10.13 4.20 -14.23
N VAL B 242 10.45 5.20 -13.41
CA VAL B 242 10.32 6.57 -13.82
C VAL B 242 11.15 6.82 -15.09
N LYS B 243 12.35 6.26 -15.13
CA LYS B 243 13.21 6.47 -16.29
C LYS B 243 12.63 5.85 -17.56
N ASP B 244 11.70 4.91 -17.40
CA ASP B 244 11.07 4.27 -18.56
C ASP B 244 10.10 5.23 -19.22
N ILE B 245 9.62 6.19 -18.44
CA ILE B 245 8.67 7.17 -18.94
C ILE B 245 9.35 8.45 -19.40
N TYR B 246 10.34 8.90 -18.64
CA TYR B 246 11.04 10.14 -18.94
C TYR B 246 12.48 10.00 -19.44
N GLY B 247 12.91 8.76 -19.67
CA GLY B 247 14.26 8.52 -20.15
C GLY B 247 15.33 8.74 -19.10
N GLY B 248 14.92 9.26 -17.94
CA GLY B 248 15.85 9.50 -16.85
C GLY B 248 15.09 10.10 -15.69
N ASP B 249 15.73 10.98 -14.92
CA ASP B 249 15.05 11.61 -13.80
C ASP B 249 13.96 12.53 -14.32
N TYR B 250 13.02 12.85 -13.44
CA TYR B 250 11.95 13.76 -13.78
C TYR B 250 12.05 14.84 -12.71
N GLU B 251 13.03 15.72 -12.88
CA GLU B 251 13.31 16.81 -11.95
C GLU B 251 12.12 17.62 -11.50
N ARG B 252 11.17 17.84 -12.40
CA ARG B 252 9.98 18.61 -12.08
C ARG B 252 9.30 18.07 -10.81
N PHE B 253 9.30 16.74 -10.66
CA PHE B 253 8.68 16.09 -9.51
C PHE B 253 9.72 15.58 -8.51
N GLY B 254 10.97 15.97 -8.69
CA GLY B 254 12.03 15.53 -7.81
C GLY B 254 12.13 14.01 -7.76
N LEU B 255 11.72 13.37 -8.84
CA LEU B 255 11.75 11.90 -8.92
C LEU B 255 12.97 11.38 -9.68
N GLN B 256 13.75 10.52 -9.04
CA GLN B 256 14.91 9.93 -9.69
C GLN B 256 14.43 8.87 -10.68
N GLY B 257 15.18 8.68 -11.76
CA GLY B 257 14.80 7.71 -12.78
C GLY B 257 14.69 6.29 -12.26
N SER B 258 15.37 6.00 -11.16
CA SER B 258 15.34 4.65 -10.58
C SER B 258 14.10 4.39 -9.74
N ALA B 259 13.34 5.43 -9.44
CA ALA B 259 12.13 5.26 -8.64
C ALA B 259 11.09 4.48 -9.45
N VAL B 260 10.26 3.73 -8.76
CA VAL B 260 9.22 2.93 -9.40
C VAL B 260 8.02 3.83 -9.73
N ALA B 261 7.66 3.89 -11.00
CA ALA B 261 6.52 4.68 -11.42
C ALA B 261 5.23 3.91 -11.20
N SER B 262 5.23 2.62 -11.59
CA SER B 262 4.07 1.76 -11.44
C SER B 262 4.48 0.31 -11.12
N SER B 263 4.06 -0.18 -9.96
CA SER B 263 4.40 -1.53 -9.54
C SER B 263 3.70 -2.50 -10.49
N PHE B 264 4.44 -3.47 -11.01
CA PHE B 264 3.89 -4.44 -11.95
C PHE B 264 3.41 -3.75 -13.23
N GLY B 265 3.80 -2.50 -13.40
CA GLY B 265 3.37 -1.69 -14.54
C GLY B 265 3.79 -2.09 -15.94
N ASN B 266 4.68 -3.06 -16.05
CA ASN B 266 5.13 -3.54 -17.37
C ASN B 266 4.41 -4.84 -17.74
N MET B 267 3.73 -5.43 -16.79
CA MET B 267 3.10 -6.73 -17.00
C MET B 267 1.88 -6.87 -17.90
N MET B 268 1.39 -5.76 -18.45
CA MET B 268 0.27 -5.85 -19.38
C MET B 268 0.84 -6.00 -20.80
N SER B 269 2.17 -6.06 -20.88
CA SER B 269 2.87 -6.19 -22.15
C SER B 269 3.42 -7.60 -22.29
N LYS B 270 2.97 -8.32 -23.32
CA LYS B 270 3.44 -9.69 -23.53
C LYS B 270 4.96 -9.75 -23.64
N GLU B 271 5.52 -8.82 -24.42
CA GLU B 271 6.97 -8.75 -24.61
C GLU B 271 7.72 -8.64 -23.29
N LYS B 272 7.20 -7.82 -22.36
CA LYS B 272 7.84 -7.66 -21.06
C LYS B 272 7.70 -8.92 -20.22
N ARG B 273 6.52 -9.55 -20.27
CA ARG B 273 6.29 -10.77 -19.52
C ARG B 273 7.26 -11.88 -19.96
N ASP B 274 7.65 -11.87 -21.22
CA ASP B 274 8.58 -12.87 -21.76
C ASP B 274 9.97 -12.76 -21.17
N SER B 275 10.28 -11.65 -20.49
CA SER B 275 11.60 -11.47 -19.92
C SER B 275 11.67 -11.68 -18.42
N ILE B 276 10.53 -11.95 -17.78
CA ILE B 276 10.50 -12.13 -16.33
C ILE B 276 10.64 -13.57 -15.88
N SER B 277 11.09 -13.73 -14.65
CA SER B 277 11.26 -15.04 -14.03
C SER B 277 10.40 -15.05 -12.77
N LYS B 278 10.20 -16.22 -12.19
CA LYS B 278 9.43 -16.32 -10.95
C LYS B 278 10.15 -15.52 -9.86
N GLU B 279 11.49 -15.55 -9.86
CA GLU B 279 12.25 -14.79 -8.87
C GLU B 279 11.96 -13.30 -9.02
N ASP B 280 11.88 -12.83 -10.27
CA ASP B 280 11.57 -11.42 -10.52
C ASP B 280 10.20 -11.05 -9.96
N LEU B 281 9.23 -11.93 -10.13
CA LEU B 281 7.87 -11.70 -9.64
C LEU B 281 7.84 -11.64 -8.12
N ALA B 282 8.56 -12.56 -7.46
CA ALA B 282 8.61 -12.57 -6.01
C ALA B 282 9.26 -11.28 -5.51
N ARG B 283 10.34 -10.87 -6.17
CA ARG B 283 11.06 -9.65 -5.80
C ARG B 283 10.18 -8.40 -5.95
N ALA B 284 9.49 -8.31 -7.09
CA ALA B 284 8.62 -7.16 -7.36
C ALA B 284 7.52 -7.11 -6.28
N THR B 285 6.99 -8.27 -5.92
CA THR B 285 5.95 -8.32 -4.90
C THR B 285 6.49 -7.77 -3.56
N LEU B 286 7.65 -8.27 -3.16
CA LEU B 286 8.27 -7.81 -1.91
C LEU B 286 8.61 -6.33 -1.94
N VAL B 287 9.18 -5.87 -3.06
CA VAL B 287 9.55 -4.46 -3.23
C VAL B 287 8.29 -3.56 -3.16
N THR B 288 7.23 -3.99 -3.81
CA THR B 288 5.99 -3.21 -3.80
C THR B 288 5.46 -3.05 -2.37
N ILE B 289 5.50 -4.13 -1.61
CA ILE B 289 5.01 -4.10 -0.23
C ILE B 289 5.91 -3.29 0.71
N THR B 290 7.22 -3.51 0.61
CA THR B 290 8.14 -2.79 1.49
C THR B 290 8.18 -1.30 1.18
N ASN B 291 8.13 -0.95 -0.11
CA ASN B 291 8.14 0.47 -0.45
C ASN B 291 6.87 1.14 0.06
N ASN B 292 5.75 0.41 0.00
CA ASN B 292 4.46 0.94 0.47
C ASN B 292 4.49 1.16 1.99
N ILE B 293 5.01 0.17 2.71
CA ILE B 293 5.08 0.27 4.17
C ILE B 293 5.94 1.46 4.57
N GLY B 294 7.06 1.62 3.89
CA GLY B 294 7.95 2.74 4.17
C GLY B 294 7.27 4.08 4.00
N SER B 295 6.48 4.21 2.95
CA SER B 295 5.75 5.43 2.69
C SER B 295 4.76 5.73 3.82
N ILE B 296 4.02 4.70 4.21
CA ILE B 296 3.01 4.86 5.26
C ILE B 296 3.65 5.14 6.62
N ALA B 297 4.73 4.43 6.94
CA ALA B 297 5.41 4.62 8.22
C ALA B 297 6.02 6.02 8.27
N ARG B 298 6.56 6.48 7.16
CA ARG B 298 7.17 7.81 7.10
C ARG B 298 6.13 8.92 7.29
N MET B 299 4.96 8.76 6.66
CA MET B 299 3.91 9.77 6.81
C MET B 299 3.35 9.76 8.24
N CYS B 300 3.32 8.59 8.86
CA CYS B 300 2.83 8.49 10.24
C CYS B 300 3.81 9.18 11.18
N ALA B 301 5.10 9.01 10.92
CA ALA B 301 6.14 9.62 11.75
C ALA B 301 6.00 11.14 11.69
N LEU B 302 5.75 11.63 10.49
CA LEU B 302 5.57 13.05 10.26
C LEU B 302 4.34 13.58 11.01
N ASN B 303 3.21 12.89 10.84
CA ASN B 303 1.96 13.30 11.48
C ASN B 303 1.99 13.17 13.01
N GLU B 304 2.69 12.17 13.52
CA GLU B 304 2.76 11.96 14.97
C GLU B 304 3.93 12.72 15.61
N ASN B 305 4.79 13.30 14.79
CA ASN B 305 5.97 14.04 15.24
C ASN B 305 6.90 13.11 16.05
N ILE B 306 7.17 11.93 15.48
CA ILE B 306 8.04 10.96 16.11
C ILE B 306 9.14 10.62 15.09
N ASP B 307 10.40 10.54 15.52
CA ASP B 307 11.46 10.28 14.56
C ASP B 307 12.29 9.02 14.78
N ARG B 308 11.71 8.05 15.48
CA ARG B 308 12.37 6.76 15.66
C ARG B 308 11.28 5.78 15.24
N VAL B 309 11.55 5.02 14.19
CA VAL B 309 10.59 4.06 13.66
C VAL B 309 11.22 2.67 13.71
N VAL B 310 10.67 1.80 14.57
CA VAL B 310 11.20 0.46 14.78
C VAL B 310 10.29 -0.55 14.12
N PHE B 311 10.89 -1.49 13.40
CA PHE B 311 10.15 -2.50 12.65
C PHE B 311 10.37 -3.88 13.26
N VAL B 312 9.28 -4.62 13.43
CA VAL B 312 9.33 -5.97 14.01
C VAL B 312 8.29 -6.81 13.31
N GLY B 313 8.29 -8.12 13.59
CA GLY B 313 7.32 -9.00 12.96
C GLY B 313 7.92 -10.21 12.25
N ASN B 314 7.14 -11.30 12.20
CA ASN B 314 7.63 -12.52 11.54
C ASN B 314 7.99 -12.27 10.08
N PHE B 315 7.47 -11.18 9.53
CA PHE B 315 7.76 -10.81 8.14
C PHE B 315 9.26 -10.54 7.97
N LEU B 316 9.99 -10.49 9.08
CA LEU B 316 11.43 -10.20 9.03
C LEU B 316 12.35 -11.32 9.53
N ARG B 317 11.78 -12.42 10.01
CA ARG B 317 12.55 -13.50 10.60
C ARG B 317 13.24 -14.58 9.76
N ILE B 318 12.92 -14.69 8.47
CA ILE B 318 13.54 -15.75 7.68
C ILE B 318 14.69 -15.31 6.77
N ASN B 319 14.56 -14.14 6.17
CA ASN B 319 15.58 -13.65 5.25
C ASN B 319 15.78 -12.15 5.47
N MET B 320 17.04 -11.73 5.58
CA MET B 320 17.35 -10.31 5.80
C MET B 320 16.95 -9.43 4.62
N VAL B 321 16.52 -10.04 3.53
CA VAL B 321 16.14 -9.27 2.35
C VAL B 321 15.04 -8.26 2.67
N SER B 322 14.04 -8.68 3.43
CA SER B 322 12.94 -7.79 3.80
C SER B 322 13.42 -6.55 4.57
N MET B 323 14.26 -6.75 5.58
CA MET B 323 14.78 -5.59 6.35
C MET B 323 15.55 -4.61 5.46
N LYS B 324 16.40 -5.15 4.58
CA LYS B 324 17.17 -4.29 3.70
C LYS B 324 16.30 -3.46 2.78
N LEU B 325 15.19 -4.03 2.32
CA LEU B 325 14.29 -3.31 1.43
C LEU B 325 13.54 -2.25 2.22
N LEU B 326 13.22 -2.56 3.47
CA LEU B 326 12.53 -1.58 4.33
C LEU B 326 13.51 -0.46 4.65
N ALA B 327 14.79 -0.79 4.78
CA ALA B 327 15.81 0.20 5.07
C ALA B 327 15.89 1.19 3.90
N TYR B 328 15.89 0.66 2.68
CA TYR B 328 15.97 1.50 1.49
C TYR B 328 14.73 2.39 1.38
N ALA B 329 13.56 1.80 1.61
CA ALA B 329 12.30 2.54 1.52
C ALA B 329 12.23 3.71 2.49
N MET B 330 12.59 3.47 3.75
CA MET B 330 12.53 4.54 4.75
C MET B 330 13.44 5.68 4.34
N ASP B 331 14.63 5.34 3.86
CA ASP B 331 15.57 6.37 3.43
C ASP B 331 15.04 7.13 2.21
N PHE B 332 14.42 6.40 1.29
CA PHE B 332 13.88 7.02 0.10
C PHE B 332 12.77 8.01 0.41
N TRP B 333 11.72 7.55 1.10
CA TRP B 333 10.59 8.39 1.41
C TRP B 333 10.92 9.55 2.36
N SER B 334 11.90 9.35 3.23
CA SER B 334 12.27 10.40 4.19
C SER B 334 13.35 11.31 3.63
N LYS B 335 13.87 10.97 2.46
CA LYS B 335 14.94 11.77 1.84
C LYS B 335 16.19 11.68 2.73
N GLY B 336 16.36 10.53 3.37
CA GLY B 336 17.52 10.32 4.23
C GLY B 336 17.39 10.79 5.67
N GLN B 337 16.24 11.36 6.02
CA GLN B 337 16.02 11.86 7.37
C GLN B 337 15.72 10.79 8.41
N LEU B 338 15.06 9.72 7.99
CA LEU B 338 14.71 8.64 8.91
C LEU B 338 15.31 7.31 8.50
N LYS B 339 15.76 6.55 9.50
CA LYS B 339 16.33 5.23 9.28
C LYS B 339 15.32 4.16 9.75
N ALA B 340 15.36 3.00 9.12
CA ALA B 340 14.49 1.91 9.58
C ALA B 340 15.29 1.26 10.70
N LEU B 341 14.70 1.15 11.89
CA LEU B 341 15.40 0.56 13.01
C LEU B 341 14.88 -0.86 13.27
N PHE B 342 15.78 -1.75 13.63
CA PHE B 342 15.44 -3.14 13.91
C PHE B 342 16.03 -3.56 15.26
N LEU B 343 15.58 -4.70 15.79
CA LEU B 343 16.06 -5.16 17.09
C LEU B 343 16.64 -6.57 17.01
N GLU B 344 17.82 -6.74 17.59
CA GLU B 344 18.54 -8.00 17.58
C GLU B 344 17.76 -9.23 18.07
N HIS B 345 16.96 -9.07 19.12
CA HIS B 345 16.21 -10.21 19.65
C HIS B 345 14.78 -10.36 19.12
N GLU B 346 14.54 -9.79 17.95
CA GLU B 346 13.22 -9.86 17.33
C GLU B 346 12.78 -11.33 17.23
N GLY B 347 11.54 -11.60 17.58
CA GLY B 347 11.03 -12.97 17.53
C GLY B 347 10.85 -13.56 18.92
N TYR B 348 11.68 -13.11 19.86
CA TYR B 348 11.62 -13.59 21.24
C TYR B 348 10.98 -12.62 22.23
N PHE B 349 10.52 -11.47 21.75
CA PHE B 349 9.94 -10.48 22.65
C PHE B 349 8.66 -10.95 23.36
N GLY B 350 7.82 -11.68 22.66
CA GLY B 350 6.60 -12.18 23.27
C GLY B 350 6.95 -13.08 24.45
N ALA B 351 7.96 -13.91 24.27
CA ALA B 351 8.40 -14.84 25.30
C ALA B 351 8.98 -14.06 26.48
N VAL B 352 9.76 -13.02 26.20
CA VAL B 352 10.34 -12.22 27.26
C VAL B 352 9.22 -11.55 28.05
N GLY B 353 8.23 -11.04 27.32
CA GLY B 353 7.10 -10.39 27.96
C GLY B 353 6.38 -11.33 28.91
N ALA B 354 6.24 -12.59 28.49
CA ALA B 354 5.58 -13.61 29.31
C ALA B 354 6.36 -13.81 30.60
N LEU B 355 7.68 -13.92 30.47
CA LEU B 355 8.56 -14.12 31.62
C LEU B 355 8.43 -12.99 32.63
N LEU B 356 8.37 -11.76 32.13
CA LEU B 356 8.26 -10.59 32.99
C LEU B 356 6.97 -10.57 33.81
N GLU B 357 5.94 -11.26 33.33
CA GLU B 357 4.67 -11.31 34.04
C GLU B 357 4.77 -12.08 35.36
N LEU B 358 5.72 -13.00 35.44
CA LEU B 358 5.93 -13.79 36.65
C LEU B 358 6.19 -12.88 37.85
N PHE B 359 6.94 -11.81 37.61
CA PHE B 359 7.27 -10.86 38.66
C PHE B 359 6.13 -9.90 38.96
N LYS B 360 4.91 -10.36 38.67
CA LYS B 360 3.72 -9.55 38.90
C LYS B 360 2.62 -10.39 39.54
#